data_7QT3
#
_entry.id   7QT3
#
_cell.length_a   77.273
_cell.length_b   111.414
_cell.length_c   114.812
_cell.angle_alpha   90.000
_cell.angle_beta   90.000
_cell.angle_gamma   90.000
#
_symmetry.space_group_name_H-M   'P 21 21 21'
#
loop_
_entity.id
_entity.type
_entity.pdbx_description
1 polymer 'Antibody heavy chain'
2 polymer 'Antibody light chain'
3 non-polymer N-phenyl-N-[1-(2-phenylethyl)piperidin-4-yl]propanamide
4 water water
#
loop_
_entity_poly.entity_id
_entity_poly.type
_entity_poly.pdbx_seq_one_letter_code
_entity_poly.pdbx_strand_id
1 'polypeptide(L)'
;QVQLQQPGAELVKPGASVKVSCKASGYTFTNYWMHWVKQRPGQGLEWIGRIHPSESDTNYNQKFKGKATLTVDNSSSTAY
MQLSSLTSEDSAVYYCAMEDYYGSSYEDYWGQGTTLTVSSAKTTPPSVYPLAPGSAAQTNSMVTLGCLVKGYFPEPVTVT
WNSGSLSSGVHTFPAVLQSDLYTLSSSVTVPSSTWPSETVTCNVAHPASSTKVDKKIVPRGPTIK
;
A,C
2 'polypeptide(L)'
;DIVMTQSQKFMSTSVGDRVSVTCKASQNVGTNVAWYQQKPGQSPKALIYSASYRYSGVPDRFTGSGSGTDFTLTISNVQS
EDLAEYFCQQYNTYPYTFGGGTKLEIKRADAAPTVSIFPPSSEQLTSGGASVVCFLNNFYPKDINVKWKIDGSERQNGVL
NSWTDQDSKDSTYSMSSTLTLTKDEYERHNSYTCEATHKTSTSPIVKSFNRNEC
;
B,D
#
loop_
_chem_comp.id
_chem_comp.type
_chem_comp.name
_chem_comp.formula
7V7 non-polymer N-phenyl-N-[1-(2-phenylethyl)piperidin-4-yl]propanamide 'C22 H28 N2 O'
#
# COMPACT_ATOMS: atom_id res chain seq x y z
N GLN A 1 -18.86 6.30 -6.81
CA GLN A 1 -18.04 5.32 -7.50
C GLN A 1 -18.56 3.90 -7.45
N VAL A 2 -17.98 3.08 -8.31
CA VAL A 2 -18.55 1.79 -8.71
C VAL A 2 -17.40 0.82 -8.84
N GLN A 3 -17.58 -0.39 -8.33
CA GLN A 3 -16.63 -1.47 -8.51
C GLN A 3 -17.32 -2.62 -9.22
N LEU A 4 -16.62 -3.23 -10.18
CA LEU A 4 -17.00 -4.52 -10.74
C LEU A 4 -15.89 -5.49 -10.42
N GLN A 5 -16.19 -6.49 -9.61
CA GLN A 5 -15.19 -7.44 -9.12
C GLN A 5 -15.31 -8.77 -9.86
N GLN A 6 -14.26 -9.13 -10.58
CA GLN A 6 -14.09 -10.36 -11.34
C GLN A 6 -12.94 -11.16 -10.74
N PRO A 7 -13.01 -12.48 -10.70
CA PRO A 7 -11.83 -13.25 -10.33
C PRO A 7 -10.71 -13.01 -11.32
N GLY A 8 -9.47 -13.00 -10.79
CA GLY A 8 -8.31 -12.75 -11.64
C GLY A 8 -8.08 -13.83 -12.69
N ALA A 9 -8.34 -15.09 -12.35
CA ALA A 9 -7.96 -16.14 -13.28
C ALA A 9 -8.91 -17.34 -13.15
N GLU A 10 -9.06 -18.07 -14.24
CA GLU A 10 -9.68 -19.40 -14.20
C GLU A 10 -8.86 -20.33 -15.06
N LEU A 11 -8.43 -21.46 -14.47
CA LEU A 11 -7.78 -22.55 -15.17
C LEU A 11 -8.77 -23.70 -15.30
N VAL A 12 -9.11 -24.03 -16.54
CA VAL A 12 -10.17 -25.05 -16.79
C VAL A 12 -9.70 -25.98 -17.90
N LYS A 13 -10.03 -27.26 -17.78
CA LYS A 13 -9.55 -28.26 -18.76
C LYS A 13 -10.34 -28.19 -20.06
N PRO A 14 -9.72 -28.55 -21.19
CA PRO A 14 -10.41 -28.57 -22.44
C PRO A 14 -11.70 -29.41 -22.37
N GLY A 15 -12.80 -28.91 -22.94
CA GLY A 15 -14.08 -29.59 -22.92
C GLY A 15 -14.94 -29.27 -21.72
N ALA A 16 -14.39 -28.70 -20.67
CA ALA A 16 -15.24 -28.41 -19.53
C ALA A 16 -15.87 -27.03 -19.72
N SER A 17 -16.55 -26.55 -18.69
CA SER A 17 -17.21 -25.26 -18.75
C SER A 17 -16.74 -24.39 -17.59
N VAL A 18 -17.06 -23.11 -17.65
CA VAL A 18 -16.64 -22.18 -16.61
C VAL A 18 -17.70 -21.10 -16.53
N LYS A 19 -17.94 -20.60 -15.33
CA LYS A 19 -18.91 -19.53 -15.09
C LYS A 19 -18.15 -18.39 -14.41
N VAL A 20 -17.99 -17.28 -15.12
CA VAL A 20 -17.21 -16.15 -14.64
C VAL A 20 -18.16 -15.15 -13.98
N SER A 21 -17.81 -14.69 -12.78
CA SER A 21 -18.67 -13.78 -12.03
C SER A 21 -18.16 -12.34 -12.10
N CYS A 22 -19.11 -11.41 -12.01
CA CYS A 22 -18.84 -9.97 -12.07
C CYS A 22 -19.76 -9.33 -11.02
N LYS A 23 -19.23 -9.16 -9.81
CA LYS A 23 -20.01 -8.64 -8.70
C LYS A 23 -19.93 -7.12 -8.68
N ALA A 24 -21.08 -6.47 -8.69
CA ALA A 24 -21.18 -5.04 -8.86
C ALA A 24 -21.55 -4.38 -7.54
N SER A 25 -20.97 -3.21 -7.27
CA SER A 25 -21.36 -2.39 -6.13
C SER A 25 -21.25 -0.91 -6.49
N GLY A 26 -22.07 -0.08 -5.84
CA GLY A 26 -21.99 1.37 -5.96
C GLY A 26 -23.05 2.03 -6.82
N TYR A 27 -23.96 1.26 -7.42
CA TYR A 27 -25.01 1.77 -8.28
C TYR A 27 -26.17 0.79 -8.21
N THR A 28 -27.31 1.21 -8.74
CA THR A 28 -28.50 0.34 -8.74
C THR A 28 -28.32 -0.71 -9.83
N PHE A 29 -28.02 -1.94 -9.40
CA PHE A 29 -27.65 -3.01 -10.33
C PHE A 29 -28.69 -3.22 -11.42
N THR A 30 -29.97 -3.10 -11.09
CA THR A 30 -31.01 -3.47 -12.05
C THR A 30 -31.32 -2.35 -13.05
N ASN A 31 -30.58 -1.25 -13.08
CA ASN A 31 -30.88 -0.16 -13.99
C ASN A 31 -29.99 -0.09 -15.22
N TYR A 32 -28.94 -0.91 -15.31
CA TYR A 32 -27.93 -0.71 -16.34
C TYR A 32 -27.56 -2.00 -17.04
N TRP A 33 -27.42 -1.91 -18.36
CA TRP A 33 -26.82 -3.02 -19.09
C TRP A 33 -25.41 -3.35 -18.59
N MET A 34 -25.12 -4.65 -18.51
CA MET A 34 -23.79 -5.16 -18.20
C MET A 34 -23.29 -5.80 -19.49
N HIS A 35 -22.16 -5.32 -20.01
CA HIS A 35 -21.55 -5.77 -21.25
C HIS A 35 -20.39 -6.72 -20.96
N TRP A 36 -20.12 -7.62 -21.91
CA TRP A 36 -19.00 -8.55 -21.78
C TRP A 36 -18.10 -8.50 -23.01
N VAL A 37 -16.80 -8.47 -22.80
CA VAL A 37 -15.82 -8.29 -23.86
C VAL A 37 -14.73 -9.34 -23.70
N LYS A 38 -14.26 -9.87 -24.83
CA LYS A 38 -13.18 -10.85 -24.86
C LYS A 38 -11.95 -10.26 -25.53
N GLN A 39 -10.77 -10.51 -24.97
CA GLN A 39 -9.54 -10.03 -25.59
C GLN A 39 -8.48 -11.12 -25.53
N ARG A 40 -8.04 -11.60 -26.70
CA ARG A 40 -7.01 -12.63 -26.73
C ARG A 40 -5.63 -11.96 -26.62
N PRO A 41 -4.65 -12.67 -26.05
CA PRO A 41 -3.37 -12.03 -25.74
C PRO A 41 -2.77 -11.28 -26.93
N GLY A 42 -2.40 -10.02 -26.70
CA GLY A 42 -1.84 -9.16 -27.73
C GLY A 42 -2.75 -8.87 -28.91
N GLN A 43 -4.03 -9.19 -28.80
CA GLN A 43 -4.97 -9.01 -29.90
C GLN A 43 -5.99 -7.94 -29.54
N GLY A 44 -7.00 -7.78 -30.41
CA GLY A 44 -8.00 -6.73 -30.26
C GLY A 44 -9.16 -7.12 -29.36
N LEU A 45 -10.24 -6.34 -29.44
CA LEU A 45 -11.41 -6.52 -28.58
C LEU A 45 -12.59 -7.09 -29.35
N GLU A 46 -13.33 -7.98 -28.68
CA GLU A 46 -14.52 -8.60 -29.24
C GLU A 46 -15.68 -8.42 -28.27
N TRP A 47 -16.82 -7.95 -28.77
CA TRP A 47 -18.01 -7.79 -27.94
C TRP A 47 -18.78 -9.10 -27.92
N ILE A 48 -19.03 -9.64 -26.73
CA ILE A 48 -19.73 -10.92 -26.60
C ILE A 48 -21.24 -10.71 -26.61
N GLY A 49 -21.70 -9.75 -25.80
CA GLY A 49 -23.12 -9.47 -25.68
C GLY A 49 -23.35 -8.57 -24.49
N ARG A 50 -24.63 -8.33 -24.19
CA ARG A 50 -25.02 -7.48 -23.07
C ARG A 50 -26.28 -8.03 -22.44
N ILE A 51 -26.44 -7.80 -21.15
CA ILE A 51 -27.61 -8.28 -20.42
C ILE A 51 -28.13 -7.15 -19.56
N HIS A 52 -29.45 -7.00 -19.49
CA HIS A 52 -30.07 -6.03 -18.60
C HIS A 52 -30.65 -6.72 -17.38
N PRO A 53 -30.20 -6.41 -16.16
CA PRO A 53 -30.58 -7.23 -15.01
C PRO A 53 -32.04 -7.14 -14.62
N SER A 54 -32.77 -6.11 -15.08
CA SER A 54 -34.18 -5.98 -14.70
C SER A 54 -34.97 -7.25 -14.99
N GLU A 55 -34.94 -7.70 -16.25
CA GLU A 55 -35.67 -8.90 -16.63
C GLU A 55 -34.79 -9.86 -17.43
N SER A 56 -33.46 -9.63 -17.45
CA SER A 56 -32.49 -10.49 -18.13
C SER A 56 -32.67 -10.50 -19.65
N ASP A 57 -33.19 -9.40 -20.20
CA ASP A 57 -33.12 -9.19 -21.64
C ASP A 57 -31.66 -9.27 -22.06
N THR A 58 -31.41 -9.92 -23.20
CA THR A 58 -30.03 -10.08 -23.66
C THR A 58 -29.94 -9.72 -25.14
N ASN A 59 -28.75 -9.27 -25.56
CA ASN A 59 -28.43 -9.19 -26.98
C ASN A 59 -27.06 -9.85 -27.15
N TYR A 60 -26.98 -10.85 -28.01
CA TYR A 60 -25.75 -11.60 -28.17
C TYR A 60 -25.08 -11.29 -29.50
N ASN A 61 -23.76 -11.30 -29.50
CA ASN A 61 -23.00 -11.52 -30.73
C ASN A 61 -23.24 -12.95 -31.21
N GLN A 62 -23.80 -13.10 -32.42
CA GLN A 62 -24.20 -14.41 -32.94
C GLN A 62 -23.06 -15.41 -32.89
N LYS A 63 -21.82 -14.93 -33.03
CA LYS A 63 -20.64 -15.77 -33.01
C LYS A 63 -20.45 -16.46 -31.65
N PHE A 64 -21.09 -15.95 -30.59
CA PHE A 64 -20.99 -16.58 -29.27
C PHE A 64 -22.25 -17.33 -28.86
N LYS A 65 -23.28 -17.38 -29.70
CA LYS A 65 -24.44 -18.19 -29.37
C LYS A 65 -24.07 -19.66 -29.30
N GLY A 66 -24.49 -20.33 -28.23
CA GLY A 66 -24.14 -21.69 -28.00
C GLY A 66 -22.85 -21.86 -27.24
N LYS A 67 -22.05 -20.79 -27.15
CA LYS A 67 -20.83 -20.80 -26.34
C LYS A 67 -21.02 -20.01 -25.05
N ALA A 68 -21.44 -18.75 -25.14
CA ALA A 68 -21.56 -17.88 -23.98
C ALA A 68 -23.02 -17.76 -23.53
N THR A 69 -23.25 -17.84 -22.22
CA THR A 69 -24.59 -17.58 -21.68
C THR A 69 -24.49 -16.53 -20.58
N LEU A 70 -25.25 -15.44 -20.72
CA LEU A 70 -25.25 -14.35 -19.76
C LEU A 70 -26.46 -14.47 -18.83
N THR A 71 -26.23 -14.37 -17.52
CA THR A 71 -27.30 -14.38 -16.52
C THR A 71 -26.98 -13.35 -15.44
N VAL A 72 -27.93 -13.12 -14.53
CA VAL A 72 -27.73 -12.23 -13.40
C VAL A 72 -28.39 -12.84 -12.16
N ASP A 73 -27.91 -12.42 -10.99
CA ASP A 73 -28.58 -12.71 -9.72
C ASP A 73 -28.78 -11.38 -8.99
N ASN A 74 -30.03 -10.88 -9.00
CA ASN A 74 -30.32 -9.60 -8.38
C ASN A 74 -30.12 -9.61 -6.88
N SER A 75 -30.26 -10.77 -6.23
CA SER A 75 -30.09 -10.80 -4.78
C SER A 75 -28.65 -10.47 -4.37
N SER A 76 -27.67 -10.79 -5.22
CA SER A 76 -26.27 -10.53 -4.92
C SER A 76 -25.64 -9.51 -5.85
N SER A 77 -26.44 -8.82 -6.67
CA SER A 77 -25.93 -7.84 -7.64
C SER A 77 -24.76 -8.41 -8.45
N THR A 78 -24.87 -9.66 -8.88
CA THR A 78 -23.81 -10.31 -9.63
C THR A 78 -24.26 -10.70 -11.03
N ALA A 79 -23.41 -10.42 -12.01
CA ALA A 79 -23.60 -10.85 -13.39
C ALA A 79 -22.68 -12.02 -13.66
N TYR A 80 -23.14 -12.96 -14.50
CA TYR A 80 -22.34 -14.15 -14.81
C TYR A 80 -22.23 -14.37 -16.31
N MET A 81 -21.09 -14.91 -16.73
CA MET A 81 -20.89 -15.34 -18.12
C MET A 81 -20.45 -16.80 -18.08
N GLN A 82 -21.25 -17.69 -18.63
CA GLN A 82 -20.89 -19.10 -18.69
C GLN A 82 -20.37 -19.42 -20.09
N LEU A 83 -19.27 -20.16 -20.15
CA LEU A 83 -18.64 -20.57 -21.40
C LEU A 83 -18.61 -22.10 -21.43
N SER A 84 -19.21 -22.70 -22.44
N SER A 84 -19.20 -22.70 -22.45
CA SER A 84 -19.34 -24.15 -22.55
CA SER A 84 -19.31 -24.15 -22.54
C SER A 84 -18.25 -24.71 -23.46
C SER A 84 -18.27 -24.73 -23.48
N SER A 85 -18.01 -26.02 -23.31
CA SER A 85 -17.19 -26.82 -24.24
C SER A 85 -15.86 -26.13 -24.59
N LEU A 86 -15.08 -25.86 -23.56
CA LEU A 86 -13.95 -24.95 -23.73
C LEU A 86 -12.87 -25.56 -24.61
N THR A 87 -12.33 -24.72 -25.49
CA THR A 87 -11.17 -25.04 -26.31
C THR A 87 -10.08 -23.99 -26.05
N SER A 88 -8.90 -24.23 -26.61
CA SER A 88 -7.82 -23.22 -26.51
C SER A 88 -8.23 -21.89 -27.14
N GLU A 89 -9.14 -21.90 -28.12
CA GLU A 89 -9.58 -20.63 -28.69
C GLU A 89 -10.36 -19.78 -27.69
N ASP A 90 -10.84 -20.39 -26.61
CA ASP A 90 -11.52 -19.64 -25.56
C ASP A 90 -10.54 -18.97 -24.60
N SER A 91 -9.26 -19.37 -24.60
CA SER A 91 -8.30 -18.75 -23.69
C SER A 91 -8.19 -17.27 -24.03
N ALA A 92 -8.36 -16.42 -23.02
CA ALA A 92 -8.47 -14.98 -23.26
C ALA A 92 -8.74 -14.26 -21.94
N VAL A 93 -8.70 -12.92 -21.98
CA VAL A 93 -9.16 -12.10 -20.86
C VAL A 93 -10.60 -11.71 -21.14
N TYR A 94 -11.47 -11.84 -20.14
CA TYR A 94 -12.90 -11.50 -20.28
C TYR A 94 -13.24 -10.37 -19.32
N TYR A 95 -13.76 -9.25 -19.86
CA TYR A 95 -14.14 -8.10 -19.05
C TYR A 95 -15.65 -7.99 -18.97
N CYS A 96 -16.15 -7.58 -17.80
CA CYS A 96 -17.48 -7.02 -17.71
C CYS A 96 -17.37 -5.51 -17.58
N ALA A 97 -18.42 -4.79 -18.01
CA ALA A 97 -18.35 -3.34 -18.04
C ALA A 97 -19.76 -2.76 -18.05
N MET A 98 -19.93 -1.62 -17.38
CA MET A 98 -21.17 -0.86 -17.50
C MET A 98 -20.84 0.64 -17.54
N GLU A 99 -21.86 1.46 -17.79
CA GLU A 99 -21.68 2.91 -17.75
C GLU A 99 -22.96 3.55 -17.20
N ASP A 100 -22.79 4.66 -16.48
CA ASP A 100 -23.93 5.49 -16.09
C ASP A 100 -23.59 6.96 -16.33
N TYR A 101 -24.53 7.83 -16.01
CA TYR A 101 -24.49 9.23 -16.42
C TYR A 101 -24.39 10.12 -15.19
N TYR A 102 -23.56 11.16 -15.29
CA TYR A 102 -23.28 12.04 -14.18
C TYR A 102 -22.89 13.42 -14.69
N GLY A 103 -23.55 14.47 -14.20
CA GLY A 103 -23.27 15.81 -14.72
C GLY A 103 -23.73 15.94 -16.16
N SER A 104 -22.79 16.01 -17.12
CA SER A 104 -23.15 16.08 -18.54
C SER A 104 -22.41 15.02 -19.37
N SER A 105 -22.02 13.91 -18.75
N SER A 105 -22.05 13.89 -18.76
CA SER A 105 -21.22 12.91 -19.45
CA SER A 105 -21.25 12.93 -19.49
C SER A 105 -21.49 11.52 -18.88
C SER A 105 -21.44 11.54 -18.88
N TYR A 106 -21.23 10.53 -19.71
CA TYR A 106 -21.20 9.16 -19.23
C TYR A 106 -19.87 8.90 -18.53
N GLU A 107 -19.88 7.89 -17.68
CA GLU A 107 -18.66 7.41 -17.04
C GLU A 107 -18.72 5.90 -17.03
N ASP A 108 -17.65 5.27 -17.51
CA ASP A 108 -17.65 3.81 -17.63
C ASP A 108 -16.90 3.18 -16.47
N TYR A 109 -17.29 1.94 -16.16
CA TYR A 109 -16.59 1.14 -15.17
C TYR A 109 -16.36 -0.24 -15.75
N TRP A 110 -15.17 -0.82 -15.44
CA TRP A 110 -14.79 -2.12 -15.95
C TRP A 110 -14.30 -3.01 -14.83
N GLY A 111 -14.60 -4.30 -14.93
CA GLY A 111 -13.91 -5.27 -14.12
C GLY A 111 -12.43 -5.35 -14.50
N GLN A 112 -11.63 -5.93 -13.60
CA GLN A 112 -10.19 -6.09 -13.84
C GLN A 112 -9.89 -7.06 -14.97
N GLY A 113 -10.86 -7.90 -15.36
CA GLY A 113 -10.67 -8.88 -16.40
C GLY A 113 -10.32 -10.23 -15.79
N THR A 114 -10.99 -11.28 -16.25
CA THR A 114 -10.69 -12.66 -15.84
C THR A 114 -9.85 -13.31 -16.92
N THR A 115 -8.65 -13.75 -16.56
CA THR A 115 -7.80 -14.47 -17.51
C THR A 115 -8.21 -15.93 -17.45
N LEU A 116 -8.85 -16.40 -18.51
CA LEU A 116 -9.23 -17.81 -18.62
C LEU A 116 -8.15 -18.53 -19.39
N THR A 117 -7.57 -19.57 -18.78
CA THR A 117 -6.62 -20.42 -19.47
C THR A 117 -7.24 -21.80 -19.59
N VAL A 118 -7.34 -22.30 -20.82
CA VAL A 118 -7.95 -23.61 -21.09
C VAL A 118 -6.79 -24.58 -21.31
N SER A 119 -6.56 -25.43 -20.31
CA SER A 119 -5.38 -26.26 -20.27
C SER A 119 -5.60 -27.40 -19.27
N SER A 120 -4.96 -28.52 -19.55
CA SER A 120 -4.99 -29.63 -18.62
C SER A 120 -3.86 -29.57 -17.61
N ALA A 121 -2.96 -28.58 -17.71
CA ALA A 121 -1.89 -28.46 -16.73
C ALA A 121 -2.43 -28.06 -15.35
N LYS A 122 -1.59 -28.27 -14.33
CA LYS A 122 -1.93 -27.91 -12.97
C LYS A 122 -1.52 -26.47 -12.67
N THR A 123 -2.20 -25.86 -11.69
CA THR A 123 -1.74 -24.58 -11.16
C THR A 123 -0.41 -24.77 -10.46
N THR A 124 0.49 -23.78 -10.63
CA THR A 124 1.80 -23.83 -9.97
C THR A 124 2.05 -22.41 -9.46
N PRO A 125 2.11 -22.21 -8.15
CA PRO A 125 2.37 -20.86 -7.61
C PRO A 125 3.79 -20.42 -7.92
N PRO A 126 4.02 -19.12 -7.99
CA PRO A 126 5.38 -18.64 -8.27
C PRO A 126 6.30 -18.78 -7.07
N SER A 127 7.60 -18.85 -7.36
CA SER A 127 8.63 -18.62 -6.36
C SER A 127 9.11 -17.18 -6.50
N VAL A 128 9.13 -16.42 -5.41
CA VAL A 128 9.44 -14.99 -5.46
C VAL A 128 10.82 -14.78 -4.82
N TYR A 129 11.75 -14.27 -5.60
CA TYR A 129 13.14 -14.14 -5.20
C TYR A 129 13.52 -12.67 -5.15
N PRO A 130 14.21 -12.22 -4.12
CA PRO A 130 14.64 -10.83 -4.05
C PRO A 130 15.86 -10.60 -4.93
N LEU A 131 15.93 -9.41 -5.51
CA LEU A 131 17.11 -9.01 -6.29
C LEU A 131 17.69 -7.82 -5.55
N ALA A 132 18.81 -8.06 -4.84
CA ALA A 132 19.52 -7.01 -4.13
C ALA A 132 20.91 -6.84 -4.72
N PRO A 133 21.44 -5.62 -4.78
CA PRO A 133 22.78 -5.44 -5.32
C PRO A 133 23.81 -6.16 -4.47
N GLY A 134 24.61 -7.01 -5.11
CA GLY A 134 25.77 -7.59 -4.47
C GLY A 134 26.71 -6.54 -3.87
N SER A 135 27.61 -6.98 -2.99
CA SER A 135 28.47 -6.05 -2.27
C SER A 135 29.61 -5.53 -3.16
N ASN A 140 26.28 5.14 -5.49
CA ASN A 140 25.65 5.99 -6.50
C ASN A 140 24.45 6.76 -5.97
N SER A 141 23.93 7.67 -6.80
CA SER A 141 22.76 8.47 -6.42
C SER A 141 21.53 7.59 -6.25
N MET A 142 21.21 6.79 -7.25
N MET A 142 21.19 6.80 -7.26
CA MET A 142 20.02 5.95 -7.25
CA MET A 142 20.01 5.96 -7.22
C MET A 142 20.42 4.48 -7.17
C MET A 142 20.43 4.49 -7.14
N VAL A 143 19.54 3.67 -6.60
CA VAL A 143 19.77 2.24 -6.48
C VAL A 143 18.59 1.49 -7.09
N THR A 144 18.90 0.45 -7.85
CA THR A 144 17.87 -0.39 -8.45
C THR A 144 17.77 -1.71 -7.70
N LEU A 145 16.55 -2.05 -7.31
CA LEU A 145 16.20 -3.33 -6.67
C LEU A 145 15.25 -4.09 -7.59
N GLY A 146 15.04 -5.37 -7.29
CA GLY A 146 14.05 -6.07 -8.08
C GLY A 146 13.49 -7.31 -7.41
N CYS A 147 12.61 -7.98 -8.16
CA CYS A 147 11.83 -9.12 -7.68
C CYS A 147 11.76 -10.06 -8.86
N LEU A 148 12.23 -11.31 -8.70
CA LEU A 148 12.12 -12.33 -9.74
C LEU A 148 10.98 -13.27 -9.38
N VAL A 149 9.98 -13.38 -10.26
CA VAL A 149 8.75 -14.14 -10.01
C VAL A 149 8.79 -15.32 -10.97
N LYS A 150 9.24 -16.49 -10.50
CA LYS A 150 9.68 -17.57 -11.38
C LYS A 150 8.81 -18.80 -11.24
N GLY A 151 8.48 -19.39 -12.40
CA GLY A 151 7.91 -20.72 -12.47
C GLY A 151 6.45 -20.87 -12.09
N TYR A 152 5.57 -19.98 -12.58
CA TYR A 152 4.15 -20.10 -12.23
C TYR A 152 3.31 -20.47 -13.44
N PHE A 153 2.10 -20.98 -13.15
CA PHE A 153 1.12 -21.26 -14.19
C PHE A 153 -0.26 -21.28 -13.56
N PRO A 154 -1.30 -20.72 -14.20
CA PRO A 154 -1.27 -19.95 -15.43
C PRO A 154 -1.11 -18.46 -15.17
N GLU A 155 -1.24 -17.65 -16.22
CA GLU A 155 -1.30 -16.21 -16.06
C GLU A 155 -2.59 -15.81 -15.31
N PRO A 156 -2.61 -14.61 -14.70
CA PRO A 156 -1.57 -13.61 -14.55
C PRO A 156 -0.91 -13.61 -13.18
N VAL A 157 0.09 -12.76 -13.06
CA VAL A 157 0.66 -12.35 -11.79
C VAL A 157 0.59 -10.84 -11.79
N THR A 158 0.28 -10.23 -10.64
CA THR A 158 0.42 -8.78 -10.52
C THR A 158 1.45 -8.44 -9.42
N VAL A 159 2.23 -7.41 -9.67
CA VAL A 159 3.34 -7.03 -8.77
C VAL A 159 3.12 -5.60 -8.30
N THR A 160 3.24 -5.37 -7.00
CA THR A 160 3.34 -4.01 -6.47
C THR A 160 4.58 -3.91 -5.60
N TRP A 161 4.91 -2.67 -5.23
CA TRP A 161 6.02 -2.39 -4.33
C TRP A 161 5.47 -1.57 -3.18
N ASN A 162 5.82 -1.96 -1.95
CA ASN A 162 5.33 -1.31 -0.73
C ASN A 162 3.81 -1.16 -0.75
N SER A 163 3.13 -2.22 -1.19
CA SER A 163 1.66 -2.29 -1.20
C SER A 163 1.06 -1.21 -2.07
N GLY A 164 1.79 -0.78 -3.09
CA GLY A 164 1.32 0.21 -4.02
C GLY A 164 1.74 1.62 -3.72
N SER A 165 2.25 1.90 -2.52
CA SER A 165 2.68 3.26 -2.21
C SER A 165 4.01 3.63 -2.86
N LEU A 166 4.69 2.67 -3.49
CA LEU A 166 5.89 2.91 -4.27
C LEU A 166 5.54 2.65 -5.73
N SER A 167 5.23 3.71 -6.49
CA SER A 167 4.77 3.52 -7.87
C SER A 167 5.66 4.15 -8.92
N SER A 168 6.42 5.19 -8.61
N SER A 168 6.42 5.18 -8.58
CA SER A 168 7.32 5.75 -9.61
CA SER A 168 7.38 5.76 -9.52
C SER A 168 8.64 4.98 -9.63
C SER A 168 8.61 4.86 -9.64
N GLY A 169 9.24 4.92 -10.81
CA GLY A 169 10.50 4.22 -10.98
C GLY A 169 10.38 2.70 -11.02
N VAL A 170 9.20 2.17 -11.28
CA VAL A 170 8.98 0.72 -11.33
C VAL A 170 8.96 0.30 -12.80
N HIS A 171 9.60 -0.83 -13.11
CA HIS A 171 9.35 -1.48 -14.40
C HIS A 171 8.97 -2.93 -14.13
N THR A 172 7.78 -3.31 -14.56
CA THR A 172 7.33 -4.69 -14.42
C THR A 172 7.18 -5.26 -15.82
N PHE A 173 7.98 -6.34 -16.12
CA PHE A 173 8.20 -6.88 -17.45
C PHE A 173 7.15 -7.93 -17.76
N PRO A 174 6.78 -8.05 -19.03
CA PRO A 174 5.83 -9.11 -19.42
C PRO A 174 6.43 -10.46 -19.13
N ALA A 175 5.56 -11.41 -18.81
CA ALA A 175 6.05 -12.74 -18.51
C ALA A 175 6.56 -13.43 -19.78
N VAL A 176 7.46 -14.40 -19.59
CA VAL A 176 7.91 -15.26 -20.68
C VAL A 176 7.61 -16.70 -20.32
N LEU A 177 7.06 -17.44 -21.28
CA LEU A 177 6.69 -18.84 -21.09
C LEU A 177 7.84 -19.72 -21.54
N GLN A 178 8.34 -20.58 -20.65
CA GLN A 178 9.38 -21.54 -20.99
C GLN A 178 9.17 -22.83 -20.19
N SER A 179 9.29 -23.97 -20.88
CA SER A 179 9.05 -25.30 -20.31
C SER A 179 7.76 -25.32 -19.49
N ASP A 180 6.70 -24.78 -20.10
CA ASP A 180 5.34 -24.78 -19.56
C ASP A 180 5.18 -23.95 -18.30
N LEU A 181 6.11 -23.03 -18.02
CA LEU A 181 5.98 -22.21 -16.84
C LEU A 181 6.30 -20.77 -17.20
N TYR A 182 5.60 -19.82 -16.56
CA TYR A 182 5.86 -18.39 -16.78
C TYR A 182 6.84 -17.86 -15.75
N THR A 183 7.61 -16.84 -16.15
CA THR A 183 8.52 -16.12 -15.27
C THR A 183 8.47 -14.66 -15.66
N LEU A 184 8.44 -13.77 -14.67
CA LEU A 184 8.58 -12.35 -14.94
C LEU A 184 9.45 -11.74 -13.84
N SER A 185 9.76 -10.46 -14.03
CA SER A 185 10.58 -9.73 -13.08
C SER A 185 10.03 -8.31 -13.01
N SER A 186 10.34 -7.64 -11.89
CA SER A 186 10.01 -6.24 -11.69
C SER A 186 11.22 -5.56 -11.06
N SER A 187 11.55 -4.34 -11.54
CA SER A 187 12.60 -3.56 -10.92
C SER A 187 12.01 -2.28 -10.36
N VAL A 188 12.63 -1.76 -9.31
CA VAL A 188 12.27 -0.44 -8.79
C VAL A 188 13.55 0.31 -8.47
N THR A 189 13.56 1.59 -8.83
CA THR A 189 14.72 2.44 -8.59
C THR A 189 14.34 3.54 -7.62
N VAL A 190 15.12 3.68 -6.55
CA VAL A 190 14.81 4.61 -5.47
C VAL A 190 16.05 5.40 -5.14
N PRO A 191 15.90 6.54 -4.45
CA PRO A 191 17.09 7.27 -3.99
C PRO A 191 17.90 6.42 -3.02
N SER A 192 19.22 6.48 -3.16
CA SER A 192 20.09 5.71 -2.27
C SER A 192 20.00 6.15 -0.82
N SER A 193 19.36 7.30 -0.54
CA SER A 193 19.18 7.69 0.86
C SER A 193 18.03 6.95 1.50
N THR A 194 17.06 6.49 0.70
CA THR A 194 15.87 5.84 1.24
C THR A 194 16.03 4.33 1.42
N TRP A 195 16.91 3.68 0.68
CA TRP A 195 17.14 2.26 0.89
C TRP A 195 18.63 2.03 1.06
N PRO A 196 19.06 1.22 2.03
CA PRO A 196 18.33 0.31 2.94
C PRO A 196 17.61 0.99 4.11
N SER A 197 17.75 2.31 4.28
CA SER A 197 17.24 2.95 5.48
C SER A 197 15.74 2.71 5.65
N GLU A 198 14.97 2.84 4.58
N GLU A 198 14.97 2.84 4.58
CA GLU A 198 13.55 2.53 4.59
CA GLU A 198 13.54 2.54 4.59
C GLU A 198 13.33 1.21 3.86
C GLU A 198 13.30 1.24 3.83
N THR A 199 12.31 0.47 4.31
CA THR A 199 12.07 -0.85 3.74
C THR A 199 11.46 -0.77 2.34
N VAL A 200 11.85 -1.71 1.48
CA VAL A 200 11.32 -1.88 0.14
C VAL A 200 10.90 -3.33 0.02
N THR A 201 9.65 -3.57 -0.36
CA THR A 201 9.05 -4.89 -0.38
C THR A 201 8.28 -5.06 -1.67
N CYS A 202 8.49 -6.16 -2.38
CA CYS A 202 7.64 -6.45 -3.51
C CYS A 202 6.50 -7.36 -3.07
N ASN A 203 5.31 -7.05 -3.56
CA ASN A 203 4.10 -7.83 -3.25
C ASN A 203 3.65 -8.51 -4.53
N VAL A 204 3.49 -9.83 -4.47
CA VAL A 204 3.25 -10.62 -5.67
C VAL A 204 1.98 -11.43 -5.47
N ALA A 205 1.01 -11.27 -6.38
CA ALA A 205 -0.25 -11.99 -6.30
C ALA A 205 -0.38 -12.91 -7.50
N HIS A 206 -0.78 -14.16 -7.25
CA HIS A 206 -1.03 -15.16 -8.30
C HIS A 206 -2.45 -15.66 -8.07
N PRO A 207 -3.47 -15.03 -8.68
CA PRO A 207 -4.85 -15.36 -8.30
C PRO A 207 -5.22 -16.81 -8.55
N ALA A 208 -4.63 -17.45 -9.57
CA ALA A 208 -5.04 -18.81 -9.86
C ALA A 208 -4.74 -19.73 -8.70
N SER A 209 -3.65 -19.48 -7.96
CA SER A 209 -3.29 -20.30 -6.81
C SER A 209 -3.70 -19.66 -5.49
N SER A 210 -4.39 -18.52 -5.54
CA SER A 210 -4.79 -17.77 -4.34
C SER A 210 -3.60 -17.46 -3.45
N THR A 211 -2.49 -17.07 -4.06
CA THR A 211 -1.27 -16.73 -3.32
C THR A 211 -1.02 -15.23 -3.38
N LYS A 212 -0.68 -14.65 -2.23
CA LYS A 212 -0.15 -13.30 -2.15
C LYS A 212 1.08 -13.34 -1.25
N VAL A 213 2.24 -13.04 -1.82
N VAL A 213 2.23 -13.05 -1.82
CA VAL A 213 3.53 -13.18 -1.15
CA VAL A 213 3.49 -13.17 -1.10
C VAL A 213 4.22 -11.82 -1.11
C VAL A 213 4.20 -11.82 -1.08
N ASP A 214 4.79 -11.47 0.05
CA ASP A 214 5.61 -10.28 0.18
C ASP A 214 7.07 -10.69 0.35
N LYS A 215 7.97 -10.02 -0.36
CA LYS A 215 9.40 -10.30 -0.25
C LYS A 215 10.11 -8.98 0.06
N LYS A 216 10.63 -8.86 1.28
CA LYS A 216 11.48 -7.72 1.62
C LYS A 216 12.85 -7.84 0.94
N ILE A 217 13.29 -6.74 0.33
CA ILE A 217 14.62 -6.70 -0.27
C ILE A 217 15.57 -6.23 0.81
N VAL A 218 16.43 -7.14 1.29
CA VAL A 218 17.41 -6.77 2.31
C VAL A 218 18.81 -6.80 1.69
N PRO A 219 19.70 -5.90 2.10
CA PRO A 219 21.01 -5.82 1.45
C PRO A 219 21.83 -7.07 1.67
N ARG A 220 22.70 -7.37 0.72
CA ARG A 220 23.49 -8.60 0.76
C ARG A 220 24.71 -8.43 1.68
N ASP B 1 -21.46 -8.66 -40.48
CA ASP B 1 -21.20 -7.67 -39.45
C ASP B 1 -20.53 -6.42 -40.03
N ILE B 2 -20.62 -5.31 -39.32
CA ILE B 2 -19.95 -4.08 -39.75
C ILE B 2 -18.47 -4.18 -39.40
N VAL B 3 -17.61 -3.88 -40.36
CA VAL B 3 -16.17 -3.93 -40.15
C VAL B 3 -15.68 -2.51 -39.89
N MET B 4 -15.01 -2.30 -38.78
CA MET B 4 -14.36 -1.04 -38.48
C MET B 4 -12.87 -1.20 -38.75
N THR B 5 -12.33 -0.35 -39.61
CA THR B 5 -10.95 -0.47 -40.05
C THR B 5 -10.14 0.73 -39.58
N GLN B 6 -9.08 0.45 -38.83
CA GLN B 6 -8.03 1.41 -38.50
C GLN B 6 -6.78 0.99 -39.28
N SER B 7 -6.42 1.75 -40.31
CA SER B 7 -5.39 1.33 -41.27
C SER B 7 -3.98 1.75 -40.87
N GLN B 8 -3.82 2.38 -39.72
CA GLN B 8 -2.49 2.67 -39.19
C GLN B 8 -2.40 1.92 -37.87
N LYS B 9 -1.67 0.81 -37.85
CA LYS B 9 -1.54 0.10 -36.59
C LYS B 9 -0.62 0.84 -35.63
N PHE B 10 0.33 1.64 -36.16
CA PHE B 10 1.20 2.48 -35.36
C PHE B 10 1.29 3.90 -35.93
N MET B 11 1.25 4.90 -35.03
CA MET B 11 1.43 6.31 -35.38
C MET B 11 2.46 6.93 -34.42
N SER B 12 3.45 7.62 -34.96
N SER B 12 3.42 7.69 -34.95
CA SER B 12 4.44 8.28 -34.13
CA SER B 12 4.50 8.28 -34.17
C SER B 12 4.05 9.73 -33.94
C SER B 12 4.33 9.78 -34.05
N THR B 13 4.49 10.30 -32.82
CA THR B 13 4.27 11.70 -32.53
C THR B 13 5.29 12.12 -31.48
N SER B 14 5.25 13.38 -31.10
CA SER B 14 6.12 13.96 -30.07
C SER B 14 5.27 14.63 -29.02
N VAL B 15 5.77 14.70 -27.78
CA VAL B 15 5.03 15.41 -26.75
C VAL B 15 4.78 16.85 -27.18
N GLY B 16 3.54 17.31 -27.00
CA GLY B 16 3.11 18.64 -27.42
C GLY B 16 2.51 18.73 -28.80
N ASP B 17 2.64 17.69 -29.63
CA ASP B 17 2.13 17.68 -31.00
C ASP B 17 0.68 17.19 -31.04
N ARG B 18 0.09 17.20 -32.23
CA ARG B 18 -1.28 16.73 -32.47
C ARG B 18 -1.22 15.50 -33.34
N VAL B 19 -1.98 14.48 -32.98
CA VAL B 19 -2.06 13.25 -33.76
C VAL B 19 -3.53 12.92 -33.97
N SER B 20 -3.85 12.34 -35.12
CA SER B 20 -5.22 11.98 -35.46
C SER B 20 -5.30 10.51 -35.87
N VAL B 21 -6.06 9.74 -35.13
CA VAL B 21 -6.27 8.33 -35.42
C VAL B 21 -7.53 8.17 -36.26
N THR B 22 -7.42 7.51 -37.42
CA THR B 22 -8.55 7.37 -38.33
C THR B 22 -9.20 6.00 -38.21
N CYS B 23 -10.48 5.94 -38.55
CA CYS B 23 -11.29 4.73 -38.42
C CYS B 23 -12.40 4.80 -39.46
N LYS B 24 -12.56 3.72 -40.24
CA LYS B 24 -13.57 3.70 -41.29
C LYS B 24 -14.51 2.52 -41.09
N ALA B 25 -15.80 2.81 -41.04
CA ALA B 25 -16.84 1.80 -40.96
C ALA B 25 -17.22 1.33 -42.36
N SER B 26 -17.49 0.01 -42.49
CA SER B 26 -17.86 -0.55 -43.79
C SER B 26 -19.27 -0.13 -44.21
N GLN B 27 -20.12 0.27 -43.25
N GLN B 27 -20.11 0.24 -43.24
CA GLN B 27 -21.43 0.77 -43.61
CA GLN B 27 -21.47 0.69 -43.49
C GLN B 27 -21.83 1.83 -42.60
C GLN B 27 -21.75 1.93 -42.65
N ASN B 28 -22.82 2.64 -42.98
CA ASN B 28 -23.18 3.82 -42.22
C ASN B 28 -23.57 3.46 -40.79
N VAL B 29 -22.90 4.07 -39.82
CA VAL B 29 -23.19 3.84 -38.41
C VAL B 29 -23.60 5.12 -37.70
N GLY B 30 -23.94 6.16 -38.48
CA GLY B 30 -24.41 7.40 -37.90
C GLY B 30 -23.34 8.03 -37.03
N THR B 31 -23.72 8.39 -35.81
CA THR B 31 -22.75 8.81 -34.80
C THR B 31 -22.65 7.82 -33.64
N ASN B 32 -23.11 6.58 -33.84
CA ASN B 32 -23.09 5.57 -32.78
C ASN B 32 -21.71 4.90 -32.73
N VAL B 33 -20.72 5.74 -32.41
CA VAL B 33 -19.31 5.33 -32.43
C VAL B 33 -18.64 5.76 -31.12
N ALA B 34 -17.84 4.89 -30.54
CA ALA B 34 -17.11 5.19 -29.33
C ALA B 34 -15.62 4.98 -29.58
N TRP B 35 -14.80 5.66 -28.77
CA TRP B 35 -13.36 5.50 -28.80
C TRP B 35 -12.87 5.05 -27.43
N TYR B 36 -11.86 4.17 -27.39
CA TYR B 36 -11.32 3.66 -26.16
C TYR B 36 -9.79 3.80 -26.15
N GLN B 37 -9.26 3.88 -24.93
CA GLN B 37 -7.79 3.88 -24.73
C GLN B 37 -7.42 2.63 -23.93
N GLN B 38 -6.36 1.92 -24.30
CA GLN B 38 -5.91 0.78 -23.47
C GLN B 38 -4.39 0.82 -23.29
N LYS B 39 -3.98 0.88 -22.04
CA LYS B 39 -2.54 0.87 -21.70
C LYS B 39 -2.18 -0.55 -21.27
N PRO B 40 -0.89 -0.96 -21.34
CA PRO B 40 -0.52 -2.34 -21.02
C PRO B 40 -0.99 -2.83 -19.65
N GLY B 41 -1.56 -4.03 -19.60
CA GLY B 41 -1.97 -4.64 -18.33
C GLY B 41 -3.23 -4.05 -17.75
N GLN B 42 -3.92 -3.24 -18.53
CA GLN B 42 -5.09 -2.53 -17.97
C GLN B 42 -6.34 -2.75 -18.82
N SER B 43 -7.51 -2.61 -18.20
N SER B 43 -7.51 -2.62 -18.19
CA SER B 43 -8.78 -2.74 -18.94
CA SER B 43 -8.78 -2.74 -18.94
C SER B 43 -8.88 -1.58 -19.92
C SER B 43 -8.88 -1.58 -19.92
N PRO B 44 -9.84 -1.60 -20.86
CA PRO B 44 -10.01 -0.45 -21.75
C PRO B 44 -10.67 0.67 -20.95
N LYS B 45 -10.49 1.92 -21.38
CA LYS B 45 -11.15 3.07 -20.77
C LYS B 45 -11.79 3.90 -21.88
N ALA B 46 -13.10 4.17 -21.75
CA ALA B 46 -13.83 4.92 -22.77
C ALA B 46 -13.36 6.37 -22.79
N LEU B 47 -13.18 6.90 -24.00
CA LEU B 47 -12.82 8.31 -24.22
C LEU B 47 -13.96 9.12 -24.81
N ILE B 48 -14.66 8.55 -25.79
CA ILE B 48 -15.62 9.30 -26.61
C ILE B 48 -16.84 8.41 -26.79
N TYR B 49 -18.04 9.01 -26.68
CA TYR B 49 -19.28 8.37 -27.09
C TYR B 49 -20.01 9.29 -28.06
N SER B 50 -20.93 8.70 -28.83
CA SER B 50 -21.71 9.45 -29.82
C SER B 50 -20.79 10.23 -30.77
N ALA B 51 -19.61 9.65 -31.02
CA ALA B 51 -18.62 10.10 -31.99
C ALA B 51 -17.87 11.35 -31.55
N SER B 52 -18.48 12.21 -30.73
CA SER B 52 -17.83 13.47 -30.38
C SER B 52 -17.95 13.90 -28.93
N TYR B 53 -18.61 13.14 -28.07
CA TYR B 53 -18.78 13.58 -26.69
C TYR B 53 -17.75 12.89 -25.80
N ARG B 54 -17.08 13.66 -24.94
N ARG B 54 -17.08 13.66 -24.94
CA ARG B 54 -16.05 13.10 -24.08
CA ARG B 54 -16.05 13.09 -24.09
C ARG B 54 -16.66 12.43 -22.85
C ARG B 54 -16.68 12.41 -22.87
N TYR B 55 -16.11 11.26 -22.50
CA TYR B 55 -16.48 10.62 -21.24
C TYR B 55 -16.02 11.49 -20.05
N SER B 56 -16.66 11.25 -18.90
CA SER B 56 -16.32 12.01 -17.70
C SER B 56 -14.82 11.96 -17.38
N GLY B 57 -14.24 13.14 -17.09
CA GLY B 57 -12.84 13.19 -16.69
C GLY B 57 -11.82 13.04 -17.79
N VAL B 58 -12.26 12.82 -19.02
CA VAL B 58 -11.35 12.73 -20.17
C VAL B 58 -10.85 14.14 -20.50
N PRO B 59 -9.55 14.34 -20.62
CA PRO B 59 -9.02 15.70 -20.90
C PRO B 59 -9.57 16.27 -22.19
N ASP B 60 -9.75 17.59 -22.20
CA ASP B 60 -10.25 18.22 -23.42
C ASP B 60 -9.24 18.18 -24.57
N ARG B 61 -8.02 17.67 -24.34
CA ARG B 61 -7.11 17.42 -25.44
C ARG B 61 -7.61 16.31 -26.38
N PHE B 62 -8.59 15.51 -25.94
CA PHE B 62 -9.16 14.42 -26.72
C PHE B 62 -10.42 14.92 -27.41
N THR B 63 -10.47 14.84 -28.75
CA THR B 63 -11.65 15.24 -29.51
C THR B 63 -11.99 14.14 -30.52
N GLY B 64 -13.28 13.99 -30.76
CA GLY B 64 -13.78 13.03 -31.73
C GLY B 64 -14.64 13.74 -32.75
N SER B 65 -14.65 13.21 -33.97
CA SER B 65 -15.45 13.78 -35.04
C SER B 65 -15.88 12.69 -36.02
N GLY B 66 -16.75 13.05 -36.95
CA GLY B 66 -17.20 12.14 -37.97
C GLY B 66 -18.68 11.75 -37.83
N SER B 67 -19.26 11.38 -38.97
CA SER B 67 -20.63 10.87 -39.04
C SER B 67 -20.75 10.05 -40.31
N GLY B 68 -21.41 8.92 -40.22
CA GLY B 68 -21.56 8.06 -41.38
C GLY B 68 -20.55 6.92 -41.39
N THR B 69 -19.41 7.12 -42.04
CA THR B 69 -18.40 6.06 -42.14
C THR B 69 -16.98 6.47 -41.79
N ASP B 70 -16.64 7.77 -41.77
CA ASP B 70 -15.27 8.19 -41.47
C ASP B 70 -15.21 8.92 -40.13
N PHE B 71 -14.42 8.38 -39.21
CA PHE B 71 -14.32 8.87 -37.84
C PHE B 71 -12.87 9.15 -37.50
N THR B 72 -12.66 10.16 -36.65
CA THR B 72 -11.32 10.56 -36.25
C THR B 72 -11.27 10.85 -34.76
N LEU B 73 -10.28 10.28 -34.09
CA LEU B 73 -9.93 10.69 -32.74
C LEU B 73 -8.69 11.54 -32.83
N THR B 74 -8.79 12.79 -32.38
CA THR B 74 -7.66 13.71 -32.45
C THR B 74 -7.15 13.94 -31.04
N ILE B 75 -5.85 13.79 -30.83
CA ILE B 75 -5.22 14.07 -29.55
C ILE B 75 -4.33 15.28 -29.75
N SER B 76 -4.67 16.39 -29.10
N SER B 76 -4.67 16.38 -29.09
CA SER B 76 -3.86 17.61 -29.15
CA SER B 76 -3.88 17.60 -29.12
C SER B 76 -3.00 17.70 -27.91
C SER B 76 -2.97 17.67 -27.90
N ASN B 77 -1.87 18.39 -28.04
CA ASN B 77 -0.91 18.55 -26.96
C ASN B 77 -0.57 17.19 -26.32
N VAL B 78 -0.13 16.28 -27.18
CA VAL B 78 0.14 14.90 -26.77
C VAL B 78 1.04 14.86 -25.54
N GLN B 79 0.66 14.07 -24.55
CA GLN B 79 1.39 13.88 -23.31
C GLN B 79 1.97 12.46 -23.25
N SER B 80 3.11 12.31 -22.52
CA SER B 80 3.72 10.99 -22.43
C SER B 80 2.74 9.93 -21.92
N GLU B 81 1.83 10.30 -21.03
CA GLU B 81 0.84 9.36 -20.51
C GLU B 81 -0.23 8.97 -21.54
N ASP B 82 -0.23 9.57 -22.73
CA ASP B 82 -1.11 9.13 -23.79
C ASP B 82 -0.60 7.89 -24.50
N LEU B 83 0.61 7.42 -24.18
CA LEU B 83 1.12 6.16 -24.72
C LEU B 83 0.13 5.04 -24.45
N ALA B 84 -0.45 4.48 -25.51
CA ALA B 84 -1.55 3.52 -25.37
C ALA B 84 -1.95 3.03 -26.76
N GLU B 85 -2.81 1.99 -26.76
CA GLU B 85 -3.54 1.56 -27.94
C GLU B 85 -4.89 2.26 -27.95
N TYR B 86 -5.31 2.69 -29.13
CA TYR B 86 -6.61 3.37 -29.30
C TYR B 86 -7.53 2.56 -30.20
N PHE B 87 -8.75 2.32 -29.73
CA PHE B 87 -9.76 1.54 -30.45
C PHE B 87 -10.99 2.38 -30.77
N CYS B 88 -11.46 2.27 -32.00
CA CYS B 88 -12.80 2.73 -32.36
C CYS B 88 -13.78 1.56 -32.28
N GLN B 89 -15.09 1.90 -32.23
CA GLN B 89 -16.11 0.87 -32.06
C GLN B 89 -17.44 1.45 -32.51
N GLN B 90 -18.23 0.64 -33.22
CA GLN B 90 -19.60 1.05 -33.53
C GLN B 90 -20.54 0.21 -32.67
N TYR B 91 -21.62 0.85 -32.22
CA TYR B 91 -22.68 0.17 -31.49
C TYR B 91 -24.02 0.51 -32.14
N ASN B 92 -23.96 0.81 -33.44
CA ASN B 92 -25.16 1.08 -34.23
C ASN B 92 -25.97 -0.18 -34.48
N THR B 93 -25.29 -1.30 -34.75
CA THR B 93 -25.96 -2.53 -35.16
C THR B 93 -25.25 -3.72 -34.54
N TYR B 94 -26.04 -4.77 -34.23
CA TYR B 94 -25.46 -5.96 -33.62
C TYR B 94 -24.76 -6.81 -34.68
N PRO B 95 -23.61 -7.40 -34.37
CA PRO B 95 -22.93 -7.20 -33.09
C PRO B 95 -22.13 -5.91 -33.05
N TYR B 96 -21.96 -5.31 -31.87
CA TYR B 96 -21.02 -4.21 -31.73
C TYR B 96 -19.65 -4.72 -32.17
N THR B 97 -18.90 -3.88 -32.88
CA THR B 97 -17.62 -4.30 -33.42
C THR B 97 -16.58 -3.18 -33.23
N PHE B 98 -15.34 -3.61 -33.04
CA PHE B 98 -14.19 -2.77 -32.74
C PHE B 98 -13.26 -2.67 -33.94
N GLY B 99 -12.62 -1.52 -34.10
CA GLY B 99 -11.44 -1.44 -34.96
C GLY B 99 -10.30 -2.27 -34.41
N GLY B 100 -9.30 -2.49 -35.27
CA GLY B 100 -8.14 -3.31 -34.91
C GLY B 100 -7.18 -2.64 -33.94
N GLY B 101 -7.33 -1.36 -33.69
CA GLY B 101 -6.46 -0.68 -32.76
C GLY B 101 -5.32 0.04 -33.46
N THR B 102 -4.90 1.15 -32.85
CA THR B 102 -3.79 1.97 -33.35
C THR B 102 -2.93 2.29 -32.15
N LYS B 103 -1.64 1.94 -32.23
N LYS B 103 -1.64 1.92 -32.21
CA LYS B 103 -0.66 2.17 -31.18
CA LYS B 103 -0.72 2.16 -31.10
C LYS B 103 -0.05 3.55 -31.34
C LYS B 103 0.00 3.48 -31.29
N LEU B 104 0.00 4.30 -30.25
CA LEU B 104 0.68 5.59 -30.27
C LEU B 104 2.10 5.38 -29.78
N GLU B 105 3.08 5.84 -30.56
CA GLU B 105 4.49 5.82 -30.16
C GLU B 105 4.96 7.26 -30.02
N ILE B 106 5.83 7.52 -29.06
CA ILE B 106 6.27 8.88 -28.77
C ILE B 106 7.77 8.98 -29.05
N LYS B 107 8.14 9.91 -29.91
CA LYS B 107 9.54 10.20 -30.20
C LYS B 107 10.12 11.00 -29.04
N ARG B 108 11.37 10.72 -28.70
CA ARG B 108 12.04 11.52 -27.68
C ARG B 108 13.55 11.45 -27.96
N ALA B 109 14.32 12.13 -27.12
CA ALA B 109 15.77 12.16 -27.32
C ALA B 109 16.42 10.83 -26.92
N ASP B 110 17.58 10.54 -27.52
CA ASP B 110 18.31 9.32 -27.12
C ASP B 110 18.57 9.30 -25.62
N ALA B 111 18.65 8.08 -25.07
CA ALA B 111 18.85 7.85 -23.65
C ALA B 111 19.65 6.56 -23.49
N ALA B 112 20.73 6.61 -22.74
CA ALA B 112 21.53 5.41 -22.57
C ALA B 112 20.93 4.50 -21.49
N PRO B 113 21.05 3.18 -21.65
CA PRO B 113 20.52 2.28 -20.64
C PRO B 113 21.29 2.34 -19.33
N THR B 114 20.53 2.28 -18.25
CA THR B 114 21.08 2.06 -16.93
C THR B 114 21.09 0.56 -16.68
N VAL B 115 22.27 -0.01 -16.47
CA VAL B 115 22.42 -1.48 -16.38
C VAL B 115 22.67 -1.84 -14.91
N SER B 116 21.96 -2.86 -14.43
CA SER B 116 22.13 -3.41 -13.09
C SER B 116 22.13 -4.94 -13.20
N ILE B 117 23.08 -5.58 -12.53
CA ILE B 117 23.21 -7.04 -12.52
C ILE B 117 23.01 -7.53 -11.09
N PHE B 118 22.39 -8.71 -10.94
CA PHE B 118 22.04 -9.28 -9.65
C PHE B 118 22.40 -10.76 -9.62
N PRO B 119 23.10 -11.23 -8.59
CA PRO B 119 23.37 -12.66 -8.45
C PRO B 119 22.11 -13.42 -8.05
N PRO B 120 22.11 -14.76 -8.19
CA PRO B 120 21.01 -15.55 -7.61
C PRO B 120 20.85 -15.28 -6.14
N SER B 121 19.62 -15.29 -5.68
CA SER B 121 19.35 -15.16 -4.27
C SER B 121 19.64 -16.47 -3.55
N SER B 122 19.95 -16.37 -2.26
CA SER B 122 20.12 -17.60 -1.49
C SER B 122 18.81 -18.37 -1.44
N GLU B 123 17.68 -17.66 -1.55
CA GLU B 123 16.37 -18.31 -1.57
C GLU B 123 16.22 -19.21 -2.78
N GLN B 124 16.66 -18.74 -3.94
CA GLN B 124 16.59 -19.60 -5.13
C GLN B 124 17.60 -20.73 -5.03
N LEU B 125 18.81 -20.43 -4.56
CA LEU B 125 19.84 -21.47 -4.52
C LEU B 125 19.48 -22.62 -3.62
N THR B 126 18.61 -22.41 -2.60
CA THR B 126 18.34 -23.48 -1.67
C THR B 126 17.69 -24.68 -2.35
N SER B 127 17.09 -24.49 -3.53
CA SER B 127 16.41 -25.58 -4.22
C SER B 127 17.06 -25.94 -5.57
N GLY B 128 18.31 -25.54 -5.81
CA GLY B 128 19.08 -26.16 -6.87
C GLY B 128 19.16 -25.40 -8.18
N GLY B 129 18.43 -24.28 -8.31
CA GLY B 129 18.54 -23.42 -9.47
C GLY B 129 19.27 -22.11 -9.16
N ALA B 130 19.59 -21.39 -10.22
CA ALA B 130 20.38 -20.16 -10.07
C ALA B 130 20.13 -19.26 -11.26
N SER B 131 19.38 -18.17 -11.07
CA SER B 131 19.14 -17.18 -12.12
C SER B 131 19.93 -15.92 -11.83
N VAL B 132 20.60 -15.40 -12.85
CA VAL B 132 21.31 -14.12 -12.80
C VAL B 132 20.47 -13.15 -13.60
N VAL B 133 20.17 -12.00 -13.03
CA VAL B 133 19.27 -11.07 -13.71
C VAL B 133 20.01 -9.79 -14.06
N CYS B 134 19.73 -9.28 -15.25
CA CYS B 134 20.27 -8.00 -15.70
C CYS B 134 19.11 -7.12 -16.16
N PHE B 135 18.99 -5.91 -15.61
CA PHE B 135 17.98 -4.95 -16.05
C PHE B 135 18.72 -3.91 -16.88
N LEU B 136 18.19 -3.60 -18.07
CA LEU B 136 18.73 -2.53 -18.92
C LEU B 136 17.60 -1.51 -19.03
N ASN B 137 17.67 -0.42 -18.25
CA ASN B 137 16.47 0.36 -17.98
C ASN B 137 16.57 1.77 -18.56
N ASN B 138 15.42 2.24 -19.04
CA ASN B 138 15.22 3.65 -19.43
C ASN B 138 16.12 4.07 -20.57
N PHE B 139 16.08 3.31 -21.66
CA PHE B 139 16.87 3.68 -22.81
C PHE B 139 15.97 4.07 -23.98
N TYR B 140 16.57 4.76 -24.94
CA TYR B 140 15.86 5.16 -26.16
C TYR B 140 16.92 5.42 -27.19
N PRO B 141 16.75 4.95 -28.45
CA PRO B 141 15.60 4.22 -29.00
C PRO B 141 15.55 2.75 -28.59
N LYS B 142 14.58 2.00 -29.16
CA LYS B 142 14.30 0.68 -28.60
C LYS B 142 15.33 -0.37 -28.97
N ASP B 143 16.09 -0.20 -30.05
CA ASP B 143 17.00 -1.25 -30.48
C ASP B 143 18.13 -1.42 -29.46
N ILE B 144 18.38 -2.67 -29.05
CA ILE B 144 19.41 -2.95 -28.04
C ILE B 144 19.75 -4.42 -28.12
N ASN B 145 20.98 -4.75 -27.79
N ASN B 145 20.98 -4.77 -27.76
CA ASN B 145 21.38 -6.15 -27.71
CA ASN B 145 21.40 -6.17 -27.78
C ASN B 145 22.01 -6.40 -26.36
C ASN B 145 22.19 -6.49 -26.51
N VAL B 146 21.85 -7.61 -25.86
CA VAL B 146 22.44 -8.00 -24.59
C VAL B 146 23.26 -9.25 -24.81
N LYS B 147 24.43 -9.30 -24.17
CA LYS B 147 25.31 -10.47 -24.25
C LYS B 147 25.78 -10.82 -22.84
N TRP B 148 25.76 -12.12 -22.53
CA TRP B 148 26.18 -12.64 -21.24
C TRP B 148 27.55 -13.31 -21.39
N LYS B 149 28.43 -13.07 -20.43
CA LYS B 149 29.71 -13.75 -20.39
C LYS B 149 29.89 -14.42 -19.04
N ILE B 150 30.42 -15.64 -19.05
CA ILE B 150 30.75 -16.38 -17.84
C ILE B 150 32.25 -16.67 -17.88
N ASP B 151 32.97 -16.16 -16.88
CA ASP B 151 34.44 -16.24 -16.86
C ASP B 151 35.00 -15.86 -18.23
N GLY B 152 34.48 -14.75 -18.75
CA GLY B 152 34.95 -14.20 -20.00
C GLY B 152 34.41 -14.83 -21.25
N SER B 153 33.67 -15.92 -21.16
CA SER B 153 33.20 -16.62 -22.34
C SER B 153 31.71 -16.37 -22.53
N GLU B 154 31.33 -16.09 -23.78
CA GLU B 154 29.92 -15.83 -24.12
C GLU B 154 29.03 -17.03 -23.82
N ARG B 155 27.87 -16.75 -23.24
CA ARG B 155 26.87 -17.74 -22.86
C ARG B 155 25.56 -17.37 -23.55
N GLN B 156 25.02 -18.30 -24.32
CA GLN B 156 23.82 -18.06 -25.13
C GLN B 156 22.60 -18.86 -24.66
N ASN B 157 22.78 -20.10 -24.23
CA ASN B 157 21.62 -20.86 -23.81
C ASN B 157 21.24 -20.51 -22.39
N GLY B 158 19.95 -20.61 -22.10
CA GLY B 158 19.47 -20.30 -20.78
C GLY B 158 19.12 -18.85 -20.54
N VAL B 159 19.09 -18.04 -21.60
CA VAL B 159 18.82 -16.61 -21.50
C VAL B 159 17.38 -16.35 -21.94
N LEU B 160 16.61 -15.65 -21.10
CA LEU B 160 15.26 -15.23 -21.46
C LEU B 160 15.16 -13.71 -21.29
N ASN B 161 14.65 -13.03 -22.33
CA ASN B 161 14.58 -11.58 -22.41
C ASN B 161 13.12 -11.12 -22.45
N SER B 162 12.86 -9.97 -21.83
CA SER B 162 11.53 -9.38 -21.85
C SER B 162 11.65 -7.86 -21.90
N TRP B 163 10.73 -7.22 -22.60
CA TRP B 163 10.83 -5.78 -22.87
C TRP B 163 9.53 -5.10 -22.47
N THR B 164 9.62 -3.89 -21.89
CA THR B 164 8.42 -3.11 -21.62
C THR B 164 8.03 -2.27 -22.83
N ASP B 165 6.77 -1.83 -22.84
CA ASP B 165 6.37 -0.77 -23.76
C ASP B 165 6.90 0.55 -23.23
N GLN B 166 6.76 1.61 -24.05
CA GLN B 166 7.34 2.90 -23.67
C GLN B 166 6.74 3.37 -22.36
N ASP B 167 7.61 3.87 -21.49
CA ASP B 167 7.21 4.29 -20.15
C ASP B 167 6.25 5.49 -20.21
N SER B 168 5.21 5.45 -19.37
CA SER B 168 4.18 6.49 -19.38
C SER B 168 4.71 7.83 -18.90
N LYS B 169 5.85 7.86 -18.20
CA LYS B 169 6.38 9.12 -17.71
C LYS B 169 7.51 9.69 -18.56
N ASP B 170 8.48 8.87 -18.99
CA ASP B 170 9.61 9.43 -19.74
C ASP B 170 9.76 8.87 -21.13
N SER B 171 8.81 8.02 -21.58
CA SER B 171 8.75 7.53 -22.95
C SER B 171 9.98 6.66 -23.32
N THR B 172 10.73 6.16 -22.34
CA THR B 172 11.83 5.27 -22.65
C THR B 172 11.38 3.80 -22.66
N TYR B 173 12.31 2.94 -23.06
CA TYR B 173 12.12 1.49 -23.02
C TYR B 173 12.97 0.86 -21.91
N SER B 174 12.54 -0.32 -21.42
CA SER B 174 13.42 -1.08 -20.53
C SER B 174 13.40 -2.55 -20.93
N MET B 175 14.42 -3.28 -20.45
CA MET B 175 14.52 -4.67 -20.85
C MET B 175 15.07 -5.43 -19.66
N SER B 176 14.62 -6.67 -19.49
N SER B 176 14.57 -6.65 -19.49
CA SER B 176 15.10 -7.58 -18.46
CA SER B 176 15.13 -7.60 -18.55
C SER B 176 15.63 -8.84 -19.14
C SER B 176 15.78 -8.71 -19.34
N SER B 177 16.85 -9.24 -18.78
CA SER B 177 17.52 -10.42 -19.31
C SER B 177 17.86 -11.31 -18.13
N THR B 178 17.47 -12.59 -18.20
CA THR B 178 17.65 -13.55 -17.10
C THR B 178 18.41 -14.74 -17.63
N LEU B 179 19.57 -15.01 -17.04
CA LEU B 179 20.37 -16.17 -17.38
C LEU B 179 20.11 -17.22 -16.31
N THR B 180 19.49 -18.34 -16.68
CA THR B 180 19.19 -19.37 -15.70
C THR B 180 20.12 -20.57 -15.87
N LEU B 181 20.78 -20.93 -14.79
CA LEU B 181 21.75 -22.01 -14.70
C LEU B 181 21.31 -22.92 -13.58
N THR B 182 21.95 -24.08 -13.50
CA THR B 182 21.80 -24.84 -12.27
C THR B 182 22.70 -24.27 -11.17
N LYS B 183 22.33 -24.53 -9.93
CA LYS B 183 23.20 -24.17 -8.83
C LYS B 183 24.58 -24.75 -9.03
N ASP B 184 24.65 -26.02 -9.49
CA ASP B 184 25.95 -26.66 -9.69
C ASP B 184 26.77 -25.96 -10.76
N GLU B 185 26.15 -25.63 -11.90
N GLU B 185 26.15 -25.59 -11.89
CA GLU B 185 26.84 -24.88 -12.95
CA GLU B 185 26.92 -24.90 -12.92
C GLU B 185 27.32 -23.52 -12.44
C GLU B 185 27.33 -23.50 -12.45
N TYR B 186 26.42 -22.80 -11.77
CA TYR B 186 26.74 -21.46 -11.26
C TYR B 186 27.97 -21.49 -10.36
N GLU B 187 28.11 -22.52 -9.55
CA GLU B 187 29.19 -22.58 -8.57
C GLU B 187 30.50 -23.06 -9.15
N ARG B 188 30.54 -23.36 -10.45
CA ARG B 188 31.77 -23.73 -11.14
C ARG B 188 32.52 -22.53 -11.69
N HIS B 189 31.90 -21.35 -11.69
CA HIS B 189 32.45 -20.17 -12.35
C HIS B 189 32.41 -18.98 -11.39
N ASN B 190 33.19 -17.97 -11.71
CA ASN B 190 33.36 -16.85 -10.80
C ASN B 190 32.77 -15.56 -11.34
N SER B 191 33.14 -15.17 -12.57
CA SER B 191 32.78 -13.88 -13.15
C SER B 191 31.52 -13.99 -14.02
N TYR B 192 30.57 -13.10 -13.76
CA TYR B 192 29.30 -13.06 -14.49
C TYR B 192 29.09 -11.63 -14.97
N THR B 193 28.92 -11.46 -16.27
CA THR B 193 28.87 -10.13 -16.87
C THR B 193 27.69 -10.05 -17.83
N CYS B 194 26.94 -8.95 -17.80
CA CYS B 194 25.98 -8.68 -18.86
C CYS B 194 26.43 -7.42 -19.59
N GLU B 195 26.42 -7.48 -20.92
CA GLU B 195 26.89 -6.37 -21.75
C GLU B 195 25.75 -5.90 -22.64
N ALA B 196 25.48 -4.60 -22.65
CA ALA B 196 24.49 -4.00 -23.52
C ALA B 196 25.17 -3.24 -24.66
N THR B 197 24.71 -3.45 -25.89
CA THR B 197 25.11 -2.58 -27.00
C THR B 197 23.91 -1.77 -27.43
N HIS B 198 24.11 -0.46 -27.49
CA HIS B 198 23.06 0.50 -27.76
C HIS B 198 23.70 1.65 -28.50
N LYS B 199 22.91 2.36 -29.32
CA LYS B 199 23.52 3.39 -30.15
C LYS B 199 24.14 4.53 -29.35
N THR B 200 23.77 4.69 -28.09
CA THR B 200 24.32 5.79 -27.28
C THR B 200 25.75 5.54 -26.83
N SER B 201 26.34 4.40 -27.16
CA SER B 201 27.73 4.21 -26.79
C SER B 201 28.44 3.38 -27.85
N THR B 202 29.64 3.79 -28.23
CA THR B 202 30.36 2.97 -29.19
C THR B 202 31.03 1.77 -28.54
N SER B 203 30.98 1.65 -27.22
N SER B 203 30.97 1.64 -27.22
CA SER B 203 31.46 0.46 -26.52
CA SER B 203 31.48 0.48 -26.51
C SER B 203 30.29 -0.19 -25.81
C SER B 203 30.37 -0.15 -25.69
N PRO B 204 30.38 -1.46 -25.48
CA PRO B 204 29.32 -2.09 -24.70
C PRO B 204 29.29 -1.49 -23.30
N ILE B 205 28.09 -1.39 -22.78
CA ILE B 205 27.80 -0.88 -21.44
C ILE B 205 27.63 -2.11 -20.56
N VAL B 206 28.52 -2.30 -19.59
CA VAL B 206 28.70 -3.60 -18.96
C VAL B 206 28.58 -3.51 -17.44
N LYS B 207 28.13 -4.62 -16.84
CA LYS B 207 28.03 -4.76 -15.41
C LYS B 207 28.42 -6.19 -15.08
N SER B 208 29.10 -6.37 -13.96
CA SER B 208 29.69 -7.65 -13.61
C SER B 208 29.62 -7.85 -12.10
N PHE B 209 29.74 -9.12 -11.70
CA PHE B 209 30.09 -9.47 -10.33
C PHE B 209 30.94 -10.73 -10.35
N ASN B 210 31.69 -10.92 -9.28
CA ASN B 210 32.41 -12.17 -9.05
C ASN B 210 31.74 -12.89 -7.90
N ARG B 211 31.48 -14.18 -8.09
CA ARG B 211 30.91 -14.97 -7.01
C ARG B 211 31.87 -15.07 -5.83
N ASN B 212 33.16 -14.76 -6.06
CA ASN B 212 34.19 -14.63 -5.01
C ASN B 212 34.15 -15.74 -3.97
N GLN C 1 -18.41 13.73 33.46
CA GLN C 1 -17.97 13.83 32.07
C GLN C 1 -18.28 12.56 31.29
N VAL C 2 -18.43 12.68 29.97
CA VAL C 2 -18.72 11.52 29.14
C VAL C 2 -17.49 10.61 29.10
N GLN C 3 -17.72 9.32 29.30
CA GLN C 3 -16.67 8.33 29.18
C GLN C 3 -17.21 7.14 28.39
N LEU C 4 -16.41 6.65 27.44
CA LEU C 4 -16.68 5.39 26.74
C LEU C 4 -15.55 4.43 27.09
N GLN C 5 -15.91 3.27 27.62
CA GLN C 5 -14.93 2.32 28.16
C GLN C 5 -14.89 1.08 27.27
N GLN C 6 -13.75 0.86 26.62
CA GLN C 6 -13.57 -0.32 25.78
C GLN C 6 -12.41 -1.15 26.31
N PRO C 7 -12.51 -2.46 26.20
CA PRO C 7 -11.37 -3.30 26.58
C PRO C 7 -10.18 -3.06 25.66
N GLY C 8 -8.98 -3.16 26.24
CA GLY C 8 -7.80 -2.84 25.46
C GLY C 8 -7.52 -3.82 24.34
N ALA C 9 -7.80 -5.12 24.54
CA ALA C 9 -7.38 -6.12 23.58
C ALA C 9 -8.36 -7.29 23.59
N GLU C 10 -8.50 -7.91 22.41
CA GLU C 10 -9.12 -9.22 22.30
C GLU C 10 -8.24 -10.10 21.41
N LEU C 11 -7.91 -11.29 21.90
CA LEU C 11 -7.19 -12.26 21.10
C LEU C 11 -8.12 -13.43 20.84
N VAL C 12 -8.35 -13.76 19.56
CA VAL C 12 -9.40 -14.70 19.16
C VAL C 12 -8.89 -15.55 18.00
N LYS C 13 -9.17 -16.87 18.07
CA LYS C 13 -8.72 -17.77 17.04
C LYS C 13 -9.48 -17.54 15.72
N PRO C 14 -8.84 -17.81 14.59
CA PRO C 14 -9.51 -17.63 13.29
C PRO C 14 -10.76 -18.49 13.18
N GLY C 15 -11.78 -17.96 12.51
CA GLY C 15 -13.04 -18.64 12.39
C GLY C 15 -14.00 -18.45 13.55
N ALA C 16 -13.50 -18.00 14.70
CA ALA C 16 -14.35 -17.77 15.86
C ALA C 16 -15.03 -16.41 15.74
N SER C 17 -15.73 -16.01 16.80
CA SER C 17 -16.42 -14.73 16.85
C SER C 17 -15.99 -13.98 18.13
N VAL C 18 -16.26 -12.67 18.15
CA VAL C 18 -15.88 -11.84 19.28
C VAL C 18 -16.94 -10.75 19.45
N LYS C 19 -17.17 -10.35 20.70
CA LYS C 19 -18.15 -9.30 21.02
C LYS C 19 -17.41 -8.16 21.74
N VAL C 20 -17.14 -7.08 21.02
CA VAL C 20 -16.43 -5.92 21.57
C VAL C 20 -17.42 -5.03 22.30
N SER C 21 -17.06 -4.59 23.51
CA SER C 21 -17.97 -3.77 24.30
C SER C 21 -17.53 -2.31 24.33
N CYS C 22 -18.53 -1.44 24.54
CA CYS C 22 -18.32 0.01 24.66
C CYS C 22 -19.26 0.47 25.76
N LYS C 23 -18.72 0.64 26.97
CA LYS C 23 -19.53 0.97 28.15
C LYS C 23 -19.60 2.49 28.27
N ALA C 24 -20.81 3.03 28.25
CA ALA C 24 -21.01 4.47 28.25
C ALA C 24 -21.43 4.96 29.63
N SER C 25 -20.96 6.15 30.00
CA SER C 25 -21.41 6.82 31.22
C SER C 25 -21.29 8.32 31.02
N GLY C 26 -21.95 9.07 31.91
CA GLY C 26 -21.87 10.52 31.86
C GLY C 26 -22.86 11.22 30.94
N TYR C 27 -23.79 10.50 30.33
CA TYR C 27 -24.84 11.11 29.50
C TYR C 27 -26.00 10.13 29.37
N THR C 28 -27.10 10.64 28.82
CA THR C 28 -28.28 9.79 28.59
C THR C 28 -27.99 8.87 27.40
N PHE C 29 -27.59 7.63 27.71
CA PHE C 29 -27.16 6.67 26.69
C PHE C 29 -28.17 6.54 25.56
N THR C 30 -29.46 6.56 25.88
CA THR C 30 -30.48 6.26 24.90
C THR C 30 -30.78 7.44 23.98
N ASN C 31 -30.09 8.56 24.14
CA ASN C 31 -30.36 9.73 23.34
C ASN C 31 -29.45 9.88 22.13
N TYR C 32 -28.36 9.10 22.01
CA TYR C 32 -27.33 9.41 21.03
C TYR C 32 -26.89 8.20 20.21
N TRP C 33 -26.65 8.44 18.94
CA TRP C 33 -26.03 7.45 18.08
C TRP C 33 -24.63 7.05 18.55
N MET C 34 -24.34 5.76 18.47
CA MET C 34 -23.02 5.32 18.87
C MET C 34 -22.43 4.75 17.58
N HIS C 35 -21.29 5.28 17.15
CA HIS C 35 -20.64 4.91 15.90
C HIS C 35 -19.50 3.91 16.16
N TRP C 36 -19.21 3.08 15.15
CA TRP C 36 -18.10 2.13 15.24
C TRP C 36 -17.15 2.30 14.07
N VAL C 37 -15.83 2.31 14.35
CA VAL C 37 -14.81 2.62 13.35
C VAL C 37 -13.70 1.56 13.42
N LYS C 38 -13.25 1.11 12.25
CA LYS C 38 -12.17 0.13 12.13
C LYS C 38 -10.93 0.83 11.60
N GLN C 39 -9.77 0.53 12.17
CA GLN C 39 -8.48 1.03 11.69
C GLN C 39 -7.46 -0.10 11.72
N ARG C 40 -6.97 -0.48 10.53
CA ARG C 40 -5.96 -1.54 10.46
C ARG C 40 -4.57 -0.95 10.66
N PRO C 41 -3.60 -1.78 11.12
CA PRO C 41 -2.25 -1.27 11.42
C PRO C 41 -1.66 -0.39 10.33
N GLY C 42 -1.35 0.85 10.68
CA GLY C 42 -0.75 1.76 9.73
C GLY C 42 -1.62 2.14 8.56
N GLN C 43 -2.94 1.98 8.66
CA GLN C 43 -3.80 2.32 7.54
C GLN C 43 -4.82 3.39 7.93
N GLY C 44 -5.86 3.57 7.12
CA GLY C 44 -6.84 4.61 7.34
C GLY C 44 -8.01 4.16 8.20
N LEU C 45 -9.06 4.99 8.17
CA LEU C 45 -10.26 4.81 8.96
C LEU C 45 -11.39 4.27 8.08
N GLU C 46 -12.17 3.35 8.62
CA GLU C 46 -13.38 2.83 7.98
C GLU C 46 -14.54 2.92 8.96
N TRP C 47 -15.70 3.37 8.45
CA TRP C 47 -16.90 3.47 9.24
C TRP C 47 -17.69 2.17 9.14
N ILE C 48 -17.93 1.50 10.27
CA ILE C 48 -18.63 0.22 10.22
C ILE C 48 -20.15 0.41 10.20
N GLY C 49 -20.61 1.35 11.01
CA GLY C 49 -22.02 1.68 11.08
C GLY C 49 -22.27 2.41 12.39
N ARG C 50 -23.56 2.56 12.71
CA ARG C 50 -24.02 3.28 13.89
C ARG C 50 -25.30 2.65 14.41
N ILE C 51 -25.53 2.78 15.72
CA ILE C 51 -26.72 2.23 16.36
C ILE C 51 -27.26 3.26 17.34
N HIS C 52 -28.59 3.42 17.37
CA HIS C 52 -29.23 4.35 18.28
C HIS C 52 -29.90 3.57 19.41
N PRO C 53 -29.49 3.74 20.66
CA PRO C 53 -29.92 2.79 21.70
C PRO C 53 -31.38 2.87 22.08
N SER C 54 -32.09 3.93 21.68
N SER C 54 -32.08 3.95 21.72
CA SER C 54 -33.50 4.07 22.06
CA SER C 54 -33.51 4.07 22.03
C SER C 54 -34.33 2.87 21.58
C SER C 54 -34.27 2.83 21.59
N GLU C 55 -34.22 2.53 20.29
CA GLU C 55 -34.92 1.38 19.72
C GLU C 55 -34.01 0.47 18.91
N SER C 56 -32.69 0.66 19.02
CA SER C 56 -31.72 -0.11 18.25
C SER C 56 -31.84 0.11 16.74
N ASP C 57 -32.30 1.29 16.32
CA ASP C 57 -32.16 1.68 14.92
C ASP C 57 -30.70 1.63 14.51
N THR C 58 -30.43 1.17 13.29
CA THR C 58 -29.04 1.07 12.83
C THR C 58 -28.94 1.59 11.40
N ASN C 59 -27.70 1.90 11.03
CA ASN C 59 -27.28 2.06 9.64
C ASN C 59 -25.96 1.32 9.53
N TYR C 60 -25.91 0.33 8.65
CA TYR C 60 -24.71 -0.47 8.46
C TYR C 60 -24.03 -0.09 7.15
N ASN C 61 -22.70 -0.07 7.18
CA ASN C 61 -21.93 -0.06 5.94
C ASN C 61 -22.13 -1.43 5.27
N GLN C 62 -22.68 -1.43 4.06
CA GLN C 62 -22.93 -2.67 3.33
C GLN C 62 -21.75 -3.63 3.38
N LYS C 63 -20.51 -3.09 3.39
CA LYS C 63 -19.32 -3.94 3.42
C LYS C 63 -19.23 -4.80 4.67
N PHE C 64 -19.83 -4.37 5.78
CA PHE C 64 -19.70 -5.08 7.04
C PHE C 64 -20.97 -5.84 7.44
N LYS C 65 -21.98 -5.90 6.57
CA LYS C 65 -23.23 -6.50 7.02
C LYS C 65 -23.10 -7.99 7.30
N GLY C 66 -22.20 -8.69 6.61
CA GLY C 66 -22.01 -10.10 6.91
C GLY C 66 -21.12 -10.31 8.12
N LYS C 67 -20.21 -9.37 8.37
CA LYS C 67 -19.21 -9.47 9.44
C LYS C 67 -19.78 -9.02 10.80
N ALA C 68 -20.39 -7.83 10.85
CA ALA C 68 -20.63 -7.15 12.11
C ALA C 68 -22.09 -7.15 12.49
N THR C 69 -22.35 -7.23 13.80
CA THR C 69 -23.70 -7.03 14.35
C THR C 69 -23.61 -6.05 15.50
N LEU C 70 -24.38 -4.97 15.41
CA LEU C 70 -24.46 -3.93 16.43
C LEU C 70 -25.66 -4.17 17.35
N THR C 71 -25.41 -4.10 18.65
CA THR C 71 -26.47 -4.29 19.66
C THR C 71 -26.25 -3.32 20.82
N VAL C 72 -27.23 -3.19 21.70
CA VAL C 72 -27.05 -2.34 22.91
C VAL C 72 -27.70 -3.05 24.10
N ASP C 73 -27.26 -2.71 25.31
CA ASP C 73 -27.93 -3.20 26.54
C ASP C 73 -28.19 -1.95 27.37
N ASN C 74 -29.39 -1.37 27.25
CA ASN C 74 -29.67 -0.09 27.94
C ASN C 74 -29.53 -0.27 29.45
N SER C 75 -29.62 -1.50 29.94
CA SER C 75 -29.47 -1.77 31.40
C SER C 75 -28.06 -1.44 31.85
N SER C 76 -27.07 -1.70 31.01
CA SER C 76 -25.66 -1.48 31.38
C SER C 76 -25.13 -0.26 30.63
N SER C 77 -26.00 0.46 29.93
CA SER C 77 -25.57 1.59 29.07
C SER C 77 -24.34 1.13 28.28
N THR C 78 -24.43 -0.07 27.70
CA THR C 78 -23.27 -0.63 26.96
C THR C 78 -23.66 -0.92 25.51
N ALA C 79 -22.79 -0.60 24.57
CA ALA C 79 -22.99 -0.92 23.16
C ALA C 79 -22.04 -2.05 22.78
N TYR C 80 -22.52 -3.02 21.99
CA TYR C 80 -21.67 -4.14 21.62
C TYR C 80 -21.51 -4.22 20.11
N MET C 81 -20.33 -4.66 19.68
CA MET C 81 -20.12 -4.97 18.27
C MET C 81 -19.62 -6.40 18.16
N GLN C 82 -20.47 -7.27 17.65
CA GLN C 82 -20.10 -8.64 17.38
C GLN C 82 -19.44 -8.73 16.01
N LEU C 83 -18.30 -9.40 15.94
CA LEU C 83 -17.63 -9.70 14.68
C LEU C 83 -17.49 -11.21 14.59
N SER C 84 -17.96 -11.80 13.49
CA SER C 84 -17.99 -13.25 13.34
C SER C 84 -17.08 -13.74 12.22
N SER C 85 -16.86 -15.06 12.17
CA SER C 85 -16.05 -15.73 11.14
C SER C 85 -14.72 -15.02 10.94
N LEU C 86 -13.99 -14.86 12.04
CA LEU C 86 -12.85 -13.95 12.05
C LEU C 86 -11.70 -14.45 11.19
N THR C 87 -11.10 -13.55 10.42
CA THR C 87 -9.86 -13.79 9.72
C THR C 87 -8.81 -12.76 10.14
N SER C 88 -7.58 -12.96 9.68
CA SER C 88 -6.53 -11.99 9.97
C SER C 88 -6.84 -10.63 9.36
N GLU C 89 -7.67 -10.57 8.31
CA GLU C 89 -8.09 -9.29 7.76
C GLU C 89 -8.96 -8.52 8.73
N ASP C 90 -9.49 -9.17 9.76
CA ASP C 90 -10.26 -8.49 10.78
C ASP C 90 -9.40 -7.96 11.91
N SER C 91 -8.11 -8.32 11.96
CA SER C 91 -7.22 -7.77 12.97
C SER C 91 -7.06 -6.28 12.74
N ALA C 92 -7.31 -5.49 13.79
CA ALA C 92 -7.44 -4.03 13.65
C ALA C 92 -7.77 -3.46 15.02
N VAL C 93 -7.70 -2.12 15.12
CA VAL C 93 -8.28 -1.44 16.27
C VAL C 93 -9.70 -1.04 15.93
N TYR C 94 -10.62 -1.25 16.88
CA TYR C 94 -12.03 -0.87 16.71
C TYR C 94 -12.43 0.14 17.78
N TYR C 95 -12.95 1.30 17.34
CA TYR C 95 -13.34 2.40 18.23
C TYR C 95 -14.86 2.53 18.26
N CYS C 96 -15.40 2.90 19.42
CA CYS C 96 -16.76 3.42 19.49
C CYS C 96 -16.67 4.92 19.73
N ALA C 97 -17.70 5.66 19.31
CA ALA C 97 -17.62 7.10 19.47
C ALA C 97 -19.04 7.67 19.42
N MET C 98 -19.26 8.75 20.15
CA MET C 98 -20.52 9.48 20.06
C MET C 98 -20.21 10.97 20.14
N GLU C 99 -21.25 11.79 19.94
CA GLU C 99 -21.04 13.23 20.11
C GLU C 99 -22.35 13.82 20.60
N ASP C 100 -22.26 14.92 21.36
CA ASP C 100 -23.44 15.67 21.75
C ASP C 100 -23.17 17.15 21.50
N TYR C 101 -24.18 17.97 21.70
CA TYR C 101 -24.10 19.39 21.35
C TYR C 101 -24.36 20.23 22.58
N TYR C 102 -23.57 21.27 22.76
CA TYR C 102 -23.73 22.15 23.92
C TYR C 102 -23.25 23.54 23.52
N GLY C 103 -24.08 24.54 23.81
CA GLY C 103 -23.72 25.91 23.48
C GLY C 103 -23.82 26.18 22.00
N SER C 104 -22.69 26.19 21.30
CA SER C 104 -22.71 26.48 19.87
C SER C 104 -21.93 25.45 19.05
N SER C 105 -21.66 24.26 19.61
CA SER C 105 -20.83 23.30 18.91
C SER C 105 -21.02 21.89 19.44
N TYR C 106 -20.71 20.92 18.58
CA TYR C 106 -20.60 19.53 19.02
C TYR C 106 -19.31 19.29 19.81
N GLU C 107 -19.35 18.28 20.66
CA GLU C 107 -18.17 17.72 21.30
C GLU C 107 -18.20 16.23 21.15
N ASP C 108 -17.08 15.66 20.73
CA ASP C 108 -17.01 14.23 20.46
C ASP C 108 -16.30 13.53 21.60
N TYR C 109 -16.62 12.24 21.75
CA TYR C 109 -16.05 11.35 22.74
C TYR C 109 -15.79 10.01 22.08
N TRP C 110 -14.61 9.43 22.39
CA TRP C 110 -14.16 8.20 21.77
C TRP C 110 -13.74 7.20 22.84
N GLY C 111 -14.06 5.93 22.61
CA GLY C 111 -13.35 4.86 23.28
C GLY C 111 -11.86 4.91 22.98
N GLN C 112 -11.09 4.22 23.83
CA GLN C 112 -9.66 4.17 23.59
C GLN C 112 -9.29 3.12 22.57
N GLY C 113 -10.24 2.29 22.16
CA GLY C 113 -10.08 1.39 21.05
C GLY C 113 -9.67 0.00 21.50
N THR C 114 -10.34 -1.05 20.99
CA THR C 114 -9.99 -2.44 21.28
C THR C 114 -9.11 -2.95 20.14
N THR C 115 -7.91 -3.40 20.48
CA THR C 115 -7.03 -4.04 19.50
C THR C 115 -7.41 -5.51 19.40
N LEU C 116 -8.04 -5.89 18.29
CA LEU C 116 -8.40 -7.29 18.01
C LEU C 116 -7.26 -7.94 17.24
N THR C 117 -6.74 -9.04 17.77
CA THR C 117 -5.74 -9.83 17.10
C THR C 117 -6.34 -11.20 16.81
N VAL C 118 -6.40 -11.58 15.53
CA VAL C 118 -6.97 -12.87 15.14
C VAL C 118 -5.81 -13.85 14.95
N SER C 119 -5.65 -14.77 15.88
CA SER C 119 -4.48 -15.66 15.88
C SER C 119 -4.75 -16.90 16.69
N SER C 120 -4.13 -17.99 16.28
N SER C 120 -4.11 -17.99 16.28
CA SER C 120 -4.16 -19.22 17.07
CA SER C 120 -4.14 -19.23 17.04
C SER C 120 -3.06 -19.26 18.11
C SER C 120 -3.10 -19.24 18.15
N ALA C 121 -2.30 -18.18 18.27
CA ALA C 121 -1.25 -18.11 19.26
C ALA C 121 -1.84 -17.86 20.64
N LYS C 122 -1.05 -18.15 21.66
CA LYS C 122 -1.47 -17.95 23.04
C LYS C 122 -1.00 -16.58 23.54
N THR C 123 -1.67 -16.09 24.58
CA THR C 123 -1.26 -14.84 25.21
C THR C 123 -0.01 -15.07 26.04
N THR C 124 0.94 -14.13 25.94
CA THR C 124 2.18 -14.15 26.70
C THR C 124 2.39 -12.78 27.34
N PRO C 125 2.45 -12.68 28.65
CA PRO C 125 2.68 -11.39 29.28
C PRO C 125 4.12 -10.98 29.12
N PRO C 126 4.41 -9.69 29.17
CA PRO C 126 5.79 -9.22 28.98
C PRO C 126 6.65 -9.46 30.22
N SER C 127 7.96 -9.62 29.97
CA SER C 127 8.97 -9.45 31.01
C SER C 127 9.39 -8.00 31.00
N VAL C 128 9.44 -7.35 32.16
CA VAL C 128 9.74 -5.92 32.25
C VAL C 128 11.05 -5.74 32.99
N TYR C 129 12.02 -5.10 32.33
CA TYR C 129 13.37 -5.01 32.86
C TYR C 129 13.77 -3.54 33.04
N PRO C 130 14.33 -3.16 34.19
CA PRO C 130 14.78 -1.77 34.37
C PRO C 130 16.06 -1.51 33.61
N LEU C 131 16.18 -0.29 33.11
CA LEU C 131 17.37 0.15 32.39
C LEU C 131 17.99 1.28 33.20
N ALA C 132 19.05 0.95 33.93
CA ALA C 132 19.75 1.98 34.69
C ALA C 132 21.17 2.16 34.16
N PRO C 133 21.72 3.38 34.22
CA PRO C 133 23.08 3.59 33.72
C PRO C 133 24.10 2.74 34.48
N GLY C 134 25.12 2.30 33.75
CA GLY C 134 26.22 1.52 34.33
C GLY C 134 27.09 2.30 35.30
N ASN C 140 26.64 13.94 34.85
CA ASN C 140 26.03 14.85 33.86
C ASN C 140 24.75 15.51 34.42
N SER C 141 24.22 16.52 33.70
CA SER C 141 23.10 17.33 34.19
C SER C 141 21.76 16.60 34.10
N MET C 142 21.51 15.92 32.99
N MET C 142 21.51 15.89 33.00
CA MET C 142 20.34 15.07 32.84
CA MET C 142 20.31 15.09 32.83
C MET C 142 20.76 13.62 32.85
C MET C 142 20.68 13.62 32.71
N VAL C 143 19.86 12.75 33.31
CA VAL C 143 20.09 11.30 33.29
C VAL C 143 18.92 10.65 32.54
N THR C 144 19.25 9.66 31.71
CA THR C 144 18.23 8.92 30.96
C THR C 144 18.12 7.52 31.57
N LEU C 145 16.88 7.11 31.85
CA LEU C 145 16.56 5.78 32.36
C LEU C 145 15.61 5.11 31.37
N GLY C 146 15.34 3.82 31.59
CA GLY C 146 14.46 3.19 30.63
C GLY C 146 13.84 1.93 31.18
N CYS C 147 12.93 1.36 30.37
CA CYS C 147 12.30 0.09 30.67
C CYS C 147 12.27 -0.73 29.38
N LEU C 148 12.68 -1.98 29.46
CA LEU C 148 12.63 -2.91 28.34
C LEU C 148 11.46 -3.84 28.56
N VAL C 149 10.52 -3.87 27.61
CA VAL C 149 9.27 -4.61 27.74
C VAL C 149 9.36 -5.73 26.71
N LYS C 150 9.77 -6.93 27.14
CA LYS C 150 10.23 -7.95 26.22
C LYS C 150 9.33 -9.18 26.20
N GLY C 151 9.04 -9.65 24.99
CA GLY C 151 8.49 -10.97 24.79
C GLY C 151 7.01 -11.14 25.09
N TYR C 152 6.16 -10.20 24.65
CA TYR C 152 4.73 -10.29 24.90
C TYR C 152 3.95 -10.55 23.62
N PHE C 153 2.68 -10.92 23.80
CA PHE C 153 1.74 -11.17 22.71
C PHE C 153 0.33 -11.24 23.26
N PRO C 154 -0.66 -10.64 22.62
CA PRO C 154 -0.58 -9.79 21.43
C PRO C 154 -0.42 -8.34 21.86
N GLU C 155 -0.42 -7.46 20.87
CA GLU C 155 -0.46 -6.03 21.12
C GLU C 155 -1.79 -5.68 21.78
N PRO C 156 -1.87 -4.54 22.47
CA PRO C 156 -0.81 -3.56 22.79
C PRO C 156 -0.24 -3.71 24.21
N VAL C 157 0.82 -2.96 24.51
CA VAL C 157 1.14 -2.60 25.89
C VAL C 157 1.12 -1.09 25.94
N THR C 158 0.73 -0.55 27.10
CA THR C 158 0.92 0.88 27.37
C THR C 158 1.93 1.04 28.50
N VAL C 159 2.77 2.06 28.37
CA VAL C 159 3.84 2.33 29.35
C VAL C 159 3.62 3.75 29.88
N THR C 160 3.65 3.89 31.20
CA THR C 160 3.74 5.22 31.80
C THR C 160 4.91 5.25 32.79
N TRP C 161 5.19 6.45 33.30
CA TRP C 161 6.24 6.65 34.30
C TRP C 161 5.67 7.37 35.50
N ASN C 162 5.92 6.83 36.70
CA ASN C 162 5.30 7.31 37.94
C ASN C 162 3.81 7.52 37.73
N SER C 163 3.18 6.51 37.12
CA SER C 163 1.72 6.45 36.93
C SER C 163 1.20 7.62 36.10
N GLY C 164 2.03 8.16 35.21
CA GLY C 164 1.64 9.25 34.35
C GLY C 164 2.04 10.62 34.83
N SER C 165 2.47 10.76 36.08
N SER C 165 2.51 10.76 36.06
CA SER C 165 2.94 12.04 36.58
CA SER C 165 2.92 12.07 36.55
C SER C 165 4.19 12.48 35.83
C SER C 165 4.32 12.46 36.12
N LEU C 166 5.07 11.55 35.51
CA LEU C 166 6.30 11.84 34.78
C LEU C 166 5.96 11.66 33.31
N SER C 167 5.76 12.78 32.61
CA SER C 167 5.25 12.68 31.24
C SER C 167 6.13 13.43 30.24
N SER C 168 6.88 14.44 30.68
N SER C 168 6.87 14.44 30.69
CA SER C 168 7.80 15.11 29.79
CA SER C 168 7.78 15.10 29.77
C SER C 168 9.10 14.31 29.69
C SER C 168 9.10 14.34 29.70
N GLY C 169 9.76 14.44 28.55
CA GLY C 169 11.02 13.76 28.37
C GLY C 169 10.90 12.27 28.18
N VAL C 170 9.72 11.77 27.81
CA VAL C 170 9.50 10.33 27.66
C VAL C 170 9.51 9.98 26.18
N HIS C 171 10.10 8.84 25.84
CA HIS C 171 10.03 8.28 24.50
C HIS C 171 9.65 6.81 24.62
N THR C 172 8.48 6.45 24.11
CA THR C 172 8.07 5.05 24.08
C THR C 172 8.10 4.59 22.63
N PHE C 173 8.85 3.54 22.38
CA PHE C 173 9.09 3.17 20.99
C PHE C 173 8.07 2.15 20.51
N PRO C 174 7.76 2.14 19.21
CA PRO C 174 6.87 1.12 18.68
C PRO C 174 7.47 -0.27 18.87
N ALA C 175 6.58 -1.24 19.07
CA ALA C 175 7.01 -2.60 19.28
C ALA C 175 7.56 -3.19 18.00
N VAL C 176 8.41 -4.19 18.15
CA VAL C 176 9.00 -4.93 17.04
C VAL C 176 8.69 -6.39 17.26
N LEU C 177 8.18 -7.05 16.22
CA LEU C 177 7.84 -8.47 16.30
C LEU C 177 9.04 -9.31 15.88
N GLN C 178 9.57 -10.10 16.81
CA GLN C 178 10.63 -11.05 16.53
C GLN C 178 10.19 -12.42 17.03
N SER C 179 10.33 -13.42 16.16
CA SER C 179 9.70 -14.74 16.31
C SER C 179 8.20 -14.50 16.33
N ASP C 180 7.49 -14.84 17.40
CA ASP C 180 6.08 -14.50 17.53
C ASP C 180 5.84 -13.76 18.83
N LEU C 181 6.80 -12.93 19.24
CA LEU C 181 6.67 -12.13 20.44
C LEU C 181 7.06 -10.69 20.12
N TYR C 182 6.39 -9.75 20.78
CA TYR C 182 6.69 -8.34 20.64
C TYR C 182 7.66 -7.88 21.73
N THR C 183 8.44 -6.86 21.39
CA THR C 183 9.30 -6.22 22.38
C THR C 183 9.30 -4.71 22.12
N LEU C 184 9.23 -3.93 23.19
CA LEU C 184 9.40 -2.48 23.05
C LEU C 184 10.13 -1.96 24.27
N SER C 185 10.40 -0.67 24.23
CA SER C 185 11.12 -0.04 25.32
C SER C 185 10.64 1.40 25.43
N SER C 186 10.96 1.99 26.57
CA SER C 186 10.60 3.36 26.89
C SER C 186 11.77 3.99 27.61
N SER C 187 12.08 5.23 27.27
CA SER C 187 13.11 5.97 27.98
C SER C 187 12.51 7.21 28.61
N VAL C 188 13.09 7.65 29.72
CA VAL C 188 12.69 8.91 30.32
C VAL C 188 13.96 9.65 30.74
N THR C 189 13.93 10.97 30.58
CA THR C 189 15.11 11.78 30.91
C THR C 189 14.71 12.76 31.99
N VAL C 190 15.46 12.75 33.11
CA VAL C 190 15.14 13.60 34.26
C VAL C 190 16.41 14.33 34.68
N PRO C 191 16.28 15.38 35.49
CA PRO C 191 17.48 16.03 36.03
C PRO C 191 18.25 15.09 36.95
N SER C 192 19.58 15.13 36.85
CA SER C 192 20.42 14.30 37.71
C SER C 192 20.18 14.57 39.18
N SER C 193 19.72 15.77 39.52
CA SER C 193 19.47 16.08 40.92
C SER C 193 18.21 15.41 41.45
N THR C 194 17.38 14.79 40.60
CA THR C 194 16.16 14.13 41.07
C THR C 194 16.21 12.61 41.04
N TRP C 195 17.14 12.00 40.31
CA TRP C 195 17.32 10.56 40.40
C TRP C 195 18.80 10.27 40.61
N PRO C 196 19.15 9.34 41.51
CA PRO C 196 18.29 8.43 42.27
C PRO C 196 17.65 9.02 43.52
N SER C 197 17.85 10.32 43.76
N SER C 197 17.86 10.32 43.75
CA SER C 197 17.33 10.95 44.97
CA SER C 197 17.33 10.98 44.95
C SER C 197 15.84 10.70 45.14
C SER C 197 15.84 10.70 45.12
N GLU C 198 15.10 10.68 44.03
CA GLU C 198 13.65 10.46 44.06
C GLU C 198 13.31 9.29 43.14
N THR C 199 12.14 8.70 43.38
N THR C 199 12.13 8.71 43.37
CA THR C 199 11.81 7.44 42.72
CA THR C 199 11.75 7.46 42.72
C THR C 199 11.32 7.67 41.29
C THR C 199 11.33 7.69 41.28
N VAL C 200 11.83 6.84 40.38
CA VAL C 200 11.38 6.77 38.99
C VAL C 200 10.99 5.31 38.75
N THR C 201 9.73 5.09 38.39
CA THR C 201 9.19 3.76 38.20
C THR C 201 8.42 3.72 36.90
N CYS C 202 8.64 2.69 36.10
CA CYS C 202 7.84 2.52 34.90
C CYS C 202 6.71 1.55 35.20
N ASN C 203 5.53 1.87 34.67
CA ASN C 203 4.31 1.07 34.83
C ASN C 203 3.95 0.52 33.47
N VAL C 204 3.74 -0.78 33.40
CA VAL C 204 3.53 -1.47 32.14
C VAL C 204 2.21 -2.23 32.22
N ALA C 205 1.29 -1.90 31.32
CA ALA C 205 0.01 -2.60 31.23
C ALA C 205 -0.01 -3.46 29.97
N HIS C 206 -0.46 -4.71 30.11
CA HIS C 206 -0.67 -5.62 28.98
C HIS C 206 -2.10 -6.13 29.08
N PRO C 207 -3.05 -5.46 28.45
CA PRO C 207 -4.46 -5.80 28.71
C PRO C 207 -4.87 -7.21 28.30
N ALA C 208 -4.27 -7.81 27.26
CA ALA C 208 -4.69 -9.14 26.87
C ALA C 208 -4.40 -10.17 27.95
N SER C 209 -3.37 -9.95 28.77
CA SER C 209 -3.07 -10.85 29.89
C SER C 209 -3.53 -10.28 31.22
N SER C 210 -4.23 -9.15 31.21
CA SER C 210 -4.70 -8.50 32.44
C SER C 210 -3.56 -8.33 33.44
N THR C 211 -2.39 -7.94 32.93
CA THR C 211 -1.20 -7.76 33.77
C THR C 211 -0.81 -6.30 33.79
N LYS C 212 -0.54 -5.78 34.98
CA LYS C 212 -0.03 -4.42 35.19
C LYS C 212 1.18 -4.59 36.09
N VAL C 213 2.36 -4.16 35.63
CA VAL C 213 3.62 -4.36 36.34
C VAL C 213 4.26 -3.00 36.61
N ASP C 214 4.84 -2.84 37.82
CA ASP C 214 5.62 -1.65 38.16
C ASP C 214 7.08 -2.07 38.35
N LYS C 215 8.02 -1.32 37.77
CA LYS C 215 9.43 -1.64 37.89
C LYS C 215 10.19 -0.38 38.30
N LYS C 216 10.60 -0.30 39.56
CA LYS C 216 11.40 0.83 40.00
C LYS C 216 12.80 0.76 39.41
N ILE C 217 13.27 1.90 38.88
CA ILE C 217 14.64 2.00 38.39
C ILE C 217 15.56 2.32 39.57
N VAL C 218 16.47 1.40 39.87
CA VAL C 218 17.36 1.45 41.04
C VAL C 218 18.78 1.61 40.52
N PRO C 219 19.61 2.46 41.12
CA PRO C 219 20.98 2.62 40.63
C PRO C 219 21.80 1.36 40.83
N ARG C 220 22.70 1.10 39.89
CA ARG C 220 23.41 -0.19 39.83
C ARG C 220 24.59 -0.28 40.80
N ASP D 1 -20.74 4.33 -3.71
CA ASP D 1 -20.06 4.91 -2.54
C ASP D 1 -19.33 6.17 -2.95
N ILE D 2 -19.42 7.20 -2.12
CA ILE D 2 -18.64 8.42 -2.35
C ILE D 2 -17.20 8.16 -1.95
N VAL D 3 -16.26 8.48 -2.86
CA VAL D 3 -14.82 8.43 -2.58
C VAL D 3 -14.34 9.82 -2.18
N MET D 4 -13.60 9.90 -1.08
CA MET D 4 -13.05 11.17 -0.66
C MET D 4 -11.56 11.06 -0.88
N THR D 5 -11.00 11.97 -1.68
CA THR D 5 -9.62 11.83 -2.12
C THR D 5 -8.78 12.93 -1.50
N GLN D 6 -7.79 12.55 -0.70
CA GLN D 6 -6.79 13.46 -0.18
C GLN D 6 -5.54 13.18 -1.00
N SER D 7 -5.27 14.03 -2.00
CA SER D 7 -4.17 13.77 -2.96
C SER D 7 -2.79 13.84 -2.31
N GLN D 8 -2.68 14.55 -1.20
CA GLN D 8 -1.35 14.74 -0.58
C GLN D 8 -1.26 13.83 0.64
N LYS D 9 -0.46 12.77 0.52
CA LYS D 9 -0.30 11.83 1.65
C LYS D 9 0.64 12.44 2.69
N PHE D 10 1.54 13.34 2.24
CA PHE D 10 2.45 13.99 3.15
C PHE D 10 2.52 15.47 2.82
N MET D 11 2.64 16.29 3.86
CA MET D 11 2.78 17.74 3.71
C MET D 11 3.82 18.21 4.72
N SER D 12 4.76 19.04 4.26
N SER D 12 4.74 19.07 4.29
CA SER D 12 5.78 19.61 5.13
CA SER D 12 5.77 19.56 5.18
C SER D 12 5.41 21.04 5.50
C SER D 12 5.54 21.03 5.48
N THR D 13 5.66 21.39 6.76
CA THR D 13 5.48 22.77 7.21
C THR D 13 6.46 23.04 8.35
N SER D 14 6.42 24.28 8.84
CA SER D 14 7.29 24.73 9.92
C SER D 14 6.41 25.34 11.00
N VAL D 15 6.90 25.33 12.25
CA VAL D 15 6.14 25.97 13.31
C VAL D 15 5.93 27.44 12.99
N GLY D 16 4.69 27.90 13.13
CA GLY D 16 4.32 29.26 12.81
C GLY D 16 3.79 29.47 11.41
N ASP D 17 3.94 28.48 10.52
CA ASP D 17 3.52 28.57 9.13
C ASP D 17 2.02 28.25 9.01
N ARG D 18 1.50 28.32 7.79
CA ARG D 18 0.11 27.96 7.46
C ARG D 18 0.10 26.82 6.46
N VAL D 19 -0.73 25.80 6.71
N VAL D 19 -0.74 25.81 6.74
CA VAL D 19 -0.81 24.65 5.83
CA VAL D 19 -0.90 24.62 5.92
C VAL D 19 -2.28 24.38 5.50
C VAL D 19 -2.35 24.57 5.45
N SER D 20 -2.55 24.04 4.24
CA SER D 20 -3.89 23.77 3.75
C SER D 20 -3.95 22.34 3.27
N VAL D 21 -4.87 21.56 3.84
CA VAL D 21 -5.03 20.14 3.48
C VAL D 21 -6.27 20.06 2.62
N THR D 22 -6.15 19.48 1.42
CA THR D 22 -7.30 19.41 0.51
C THR D 22 -7.95 18.04 0.49
N CYS D 23 -9.20 18.05 0.06
CA CYS D 23 -9.99 16.84 -0.06
C CYS D 23 -11.04 17.09 -1.13
N LYS D 24 -11.21 16.11 -2.03
CA LYS D 24 -12.18 16.21 -3.10
C LYS D 24 -13.15 15.02 -3.00
N ALA D 25 -14.44 15.32 -2.88
CA ALA D 25 -15.50 14.32 -2.89
C ALA D 25 -15.84 13.93 -4.33
N SER D 26 -16.09 12.64 -4.57
CA SER D 26 -16.40 12.19 -5.93
C SER D 26 -17.80 12.61 -6.36
N GLN D 27 -18.68 12.92 -5.42
CA GLN D 27 -20.00 13.44 -5.71
C GLN D 27 -20.28 14.62 -4.79
N ASN D 28 -21.24 15.45 -5.18
CA ASN D 28 -21.63 16.58 -4.35
C ASN D 28 -22.09 16.09 -2.98
N VAL D 29 -21.48 16.61 -1.91
CA VAL D 29 -21.83 16.24 -0.56
C VAL D 29 -22.31 17.43 0.26
N GLY D 30 -22.60 18.56 -0.40
CA GLY D 30 -23.11 19.73 0.30
C GLY D 30 -22.05 20.27 1.23
N THR D 31 -22.41 20.47 2.50
CA THR D 31 -21.42 20.79 3.52
C THR D 31 -21.40 19.71 4.61
N ASN D 32 -21.81 18.49 4.28
CA ASN D 32 -21.84 17.38 5.24
C ASN D 32 -20.48 16.66 5.27
N VAL D 33 -19.50 17.40 5.79
CA VAL D 33 -18.10 17.01 5.80
C VAL D 33 -17.52 17.29 7.18
N ALA D 34 -16.74 16.34 7.69
CA ALA D 34 -16.01 16.49 8.94
C ALA D 34 -14.52 16.31 8.66
N TRP D 35 -13.70 16.89 9.54
CA TRP D 35 -12.25 16.67 9.53
C TRP D 35 -11.82 16.13 10.88
N TYR D 36 -10.82 15.21 10.88
CA TYR D 36 -10.31 14.60 12.10
C TYR D 36 -8.80 14.77 12.18
N GLN D 37 -8.29 14.81 13.40
CA GLN D 37 -6.87 14.74 13.68
C GLN D 37 -6.59 13.43 14.38
N GLN D 38 -5.48 12.76 14.03
CA GLN D 38 -5.12 11.55 14.77
C GLN D 38 -3.63 11.62 15.05
N LYS D 39 -3.29 11.76 16.31
CA LYS D 39 -1.90 11.75 16.75
C LYS D 39 -1.43 10.31 17.00
N PRO D 40 -0.13 10.06 16.87
CA PRO D 40 0.37 8.69 16.94
C PRO D 40 -0.10 7.97 18.20
N GLY D 41 -0.62 6.76 18.02
CA GLY D 41 -1.08 5.96 19.13
C GLY D 41 -2.32 6.44 19.85
N GLN D 42 -3.09 7.33 19.25
CA GLN D 42 -4.25 7.92 19.90
C GLN D 42 -5.46 7.68 19.02
N SER D 43 -6.64 7.72 19.62
CA SER D 43 -7.87 7.71 18.83
C SER D 43 -8.02 9.01 18.05
N PRO D 44 -8.77 9.00 16.95
CA PRO D 44 -9.07 10.25 16.23
C PRO D 44 -9.79 11.23 17.14
N LYS D 45 -9.66 12.51 16.79
CA LYS D 45 -10.33 13.61 17.46
C LYS D 45 -10.97 14.48 16.38
N ALA D 46 -12.26 14.77 16.50
CA ALA D 46 -12.90 15.56 15.46
C ALA D 46 -12.51 17.03 15.61
N LEU D 47 -12.24 17.67 14.47
CA LEU D 47 -11.89 19.09 14.42
C LEU D 47 -13.00 19.96 13.87
N ILE D 48 -13.67 19.51 12.81
CA ILE D 48 -14.61 20.33 12.04
C ILE D 48 -15.86 19.49 11.76
N TYR D 49 -17.04 20.09 11.90
CA TYR D 49 -18.26 19.51 11.36
C TYR D 49 -18.92 20.51 10.42
N SER D 50 -19.81 20.02 9.55
N SER D 50 -19.80 20.00 9.56
CA SER D 50 -20.52 20.88 8.61
CA SER D 50 -20.52 20.80 8.58
C SER D 50 -19.56 21.74 7.79
C SER D 50 -19.57 21.71 7.80
N ALA D 51 -18.41 21.15 7.45
CA ALA D 51 -17.40 21.74 6.57
C ALA D 51 -16.64 22.88 7.19
N SER D 52 -17.26 23.69 8.07
CA SER D 52 -16.56 24.88 8.54
C SER D 52 -16.72 25.19 10.03
N TYR D 53 -17.39 24.35 10.81
CA TYR D 53 -17.64 24.64 12.22
C TYR D 53 -16.69 23.83 13.09
N ARG D 54 -16.10 24.48 14.09
N ARG D 54 -16.08 24.49 14.07
CA ARG D 54 -15.14 23.80 14.95
CA ARG D 54 -15.16 23.82 14.97
C ARG D 54 -15.85 23.05 16.07
C ARG D 54 -15.92 23.00 16.03
N TYR D 55 -15.39 21.81 16.32
CA TYR D 55 -15.78 21.10 17.52
C TYR D 55 -15.36 21.88 18.77
N SER D 56 -16.08 21.62 19.86
CA SER D 56 -15.79 22.30 21.13
C SER D 56 -14.31 22.21 21.49
N GLY D 57 -13.73 23.35 21.84
CA GLY D 57 -12.38 23.34 22.34
C GLY D 57 -11.29 23.28 21.30
N VAL D 58 -11.63 23.19 20.02
CA VAL D 58 -10.59 23.14 18.98
C VAL D 58 -10.04 24.56 18.78
N PRO D 59 -8.73 24.76 18.76
CA PRO D 59 -8.16 26.12 18.60
C PRO D 59 -8.65 26.80 17.32
N ASP D 60 -8.74 28.15 17.38
CA ASP D 60 -9.25 28.87 16.21
C ASP D 60 -8.23 28.94 15.07
N ARG D 61 -7.03 28.40 15.27
CA ARG D 61 -6.07 28.19 14.19
C ARG D 61 -6.56 27.18 13.16
N PHE D 62 -7.50 26.31 13.51
CA PHE D 62 -8.08 25.34 12.58
C PHE D 62 -9.30 25.96 11.91
N THR D 63 -9.29 26.04 10.58
CA THR D 63 -10.48 26.49 9.86
C THR D 63 -10.80 25.50 8.72
N GLY D 64 -12.07 25.35 8.44
CA GLY D 64 -12.53 24.48 7.38
C GLY D 64 -13.34 25.28 6.37
N SER D 65 -13.25 24.90 5.10
CA SER D 65 -14.01 25.60 4.08
C SER D 65 -14.42 24.64 2.98
N GLY D 66 -15.36 25.09 2.16
CA GLY D 66 -15.75 24.34 0.99
C GLY D 66 -17.21 23.89 1.06
N SER D 67 -17.75 23.64 -0.12
N SER D 67 -17.75 23.59 -0.12
CA SER D 67 -19.09 23.10 -0.29
CA SER D 67 -19.15 23.16 -0.27
C SER D 67 -19.07 22.35 -1.61
C SER D 67 -19.30 22.52 -1.65
N GLY D 68 -19.93 21.35 -1.70
CA GLY D 68 -20.05 20.63 -2.95
C GLY D 68 -19.09 19.47 -3.01
N THR D 69 -17.98 19.61 -3.71
CA THR D 69 -16.98 18.56 -3.80
C THR D 69 -15.60 18.94 -3.29
N ASP D 70 -15.26 20.22 -3.17
CA ASP D 70 -13.89 20.61 -2.84
C ASP D 70 -13.82 21.19 -1.43
N PHE D 71 -13.00 20.59 -0.57
CA PHE D 71 -12.92 20.98 0.83
C PHE D 71 -11.48 21.20 1.26
N THR D 72 -11.31 22.11 2.22
CA THR D 72 -10.00 22.45 2.73
C THR D 72 -10.02 22.60 4.23
N LEU D 73 -9.01 22.02 4.87
CA LEU D 73 -8.68 22.24 6.27
C LEU D 73 -7.44 23.10 6.33
N THR D 74 -7.53 24.29 6.91
CA THR D 74 -6.38 25.19 7.03
C THR D 74 -5.93 25.25 8.49
N ILE D 75 -4.63 25.02 8.71
CA ILE D 75 -4.03 25.19 10.02
C ILE D 75 -3.13 26.42 9.95
N SER D 76 -3.53 27.48 10.64
CA SER D 76 -2.72 28.68 10.77
C SER D 76 -1.81 28.58 11.98
N ASN D 77 -0.68 29.27 11.93
CA ASN D 77 0.27 29.33 13.03
C ASN D 77 0.54 27.92 13.60
N VAL D 78 1.02 27.05 12.71
CA VAL D 78 1.20 25.63 13.02
C VAL D 78 2.06 25.49 14.26
N GLN D 79 1.61 24.67 15.21
CA GLN D 79 2.34 24.35 16.42
C GLN D 79 2.92 22.93 16.35
N SER D 80 3.95 22.68 17.17
CA SER D 80 4.58 21.37 17.17
C SER D 80 3.56 20.27 17.49
N GLU D 81 2.61 20.57 18.38
CA GLU D 81 1.65 19.53 18.77
C GLU D 81 0.68 19.22 17.66
N ASP D 82 0.71 19.96 16.54
CA ASP D 82 -0.15 19.66 15.41
C ASP D 82 0.36 18.50 14.56
N LEU D 83 1.55 17.97 14.85
CA LEU D 83 2.01 16.69 14.31
C LEU D 83 0.96 15.60 14.45
N ALA D 84 0.43 15.13 13.31
CA ALA D 84 -0.70 14.22 13.29
C ALA D 84 -1.02 13.92 11.83
N GLU D 85 -1.86 12.90 11.63
CA GLU D 85 -2.49 12.61 10.36
C GLU D 85 -3.87 13.26 10.36
N TYR D 86 -4.25 13.85 9.23
CA TYR D 86 -5.52 14.56 9.10
C TYR D 86 -6.39 13.85 8.08
N PHE D 87 -7.66 13.60 8.44
CA PHE D 87 -8.62 12.86 7.63
C PHE D 87 -9.84 13.74 7.39
N CYS D 88 -10.28 13.82 6.13
CA CYS D 88 -11.62 14.34 5.82
C CYS D 88 -12.62 13.19 5.82
N GLN D 89 -13.91 13.53 5.84
CA GLN D 89 -14.96 12.50 5.89
C GLN D 89 -16.24 13.14 5.38
N GLN D 90 -17.04 12.37 4.63
CA GLN D 90 -18.38 12.80 4.26
C GLN D 90 -19.39 11.95 5.02
N TYR D 91 -20.43 12.62 5.52
CA TYR D 91 -21.53 11.95 6.18
C TYR D 91 -22.85 12.34 5.48
N ASN D 92 -22.75 12.68 4.20
CA ASN D 92 -23.94 13.04 3.41
C ASN D 92 -24.77 11.82 3.03
N THR D 93 -24.09 10.70 2.77
CA THR D 93 -24.68 9.48 2.23
C THR D 93 -24.06 8.27 2.91
N TYR D 94 -24.86 7.21 3.01
CA TYR D 94 -24.32 5.96 3.52
C TYR D 94 -23.63 5.17 2.41
N PRO D 95 -22.52 4.52 2.71
CA PRO D 95 -21.83 4.57 4.00
C PRO D 95 -21.01 5.85 4.16
N TYR D 96 -20.86 6.36 5.39
CA TYR D 96 -19.90 7.44 5.59
C TYR D 96 -18.53 6.96 5.14
N THR D 97 -17.76 7.85 4.47
CA THR D 97 -16.45 7.46 3.98
C THR D 97 -15.43 8.53 4.31
N PHE D 98 -14.20 8.07 4.50
CA PHE D 98 -13.05 8.88 4.91
C PHE D 98 -12.08 9.03 3.76
N GLY D 99 -11.41 10.16 3.71
CA GLY D 99 -10.26 10.30 2.85
C GLY D 99 -9.11 9.46 3.37
N GLY D 100 -8.08 9.30 2.53
CA GLY D 100 -6.95 8.45 2.86
C GLY D 100 -5.98 9.04 3.86
N GLY D 101 -6.14 10.30 4.24
CA GLY D 101 -5.25 10.84 5.26
C GLY D 101 -4.09 11.62 4.69
N THR D 102 -3.76 12.73 5.36
CA THR D 102 -2.56 13.52 5.06
C THR D 102 -1.72 13.60 6.33
N LYS D 103 -0.45 13.18 6.25
CA LYS D 103 0.47 13.24 7.38
C LYS D 103 1.27 14.54 7.32
N LEU D 104 1.20 15.32 8.38
CA LEU D 104 1.86 16.61 8.43
C LEU D 104 3.21 16.42 9.10
N GLU D 105 4.30 16.77 8.41
CA GLU D 105 5.64 16.71 8.97
C GLU D 105 6.18 18.10 9.21
N ILE D 106 6.82 18.27 10.35
CA ILE D 106 7.28 19.59 10.78
C ILE D 106 8.77 19.68 10.57
N LYS D 107 9.18 20.68 9.79
CA LYS D 107 10.60 20.98 9.60
C LYS D 107 11.11 21.80 10.78
N ARG D 108 12.35 21.54 11.20
CA ARG D 108 12.94 22.27 12.32
C ARG D 108 14.46 22.22 12.16
N ALA D 109 15.16 22.90 13.07
CA ALA D 109 16.62 22.99 12.98
C ALA D 109 17.26 21.66 13.35
N ASP D 110 18.49 21.46 12.90
CA ASP D 110 19.21 20.23 13.22
C ASP D 110 19.38 20.06 14.73
N ALA D 111 19.45 18.80 15.16
CA ALA D 111 19.68 18.48 16.55
C ALA D 111 20.48 17.19 16.64
N ALA D 112 21.53 17.20 17.40
CA ALA D 112 22.37 16.02 17.56
C ALA D 112 21.71 15.01 18.51
N PRO D 113 21.89 13.70 18.27
CA PRO D 113 21.31 12.71 19.19
C PRO D 113 22.02 12.67 20.54
N THR D 114 21.22 12.49 21.59
CA THR D 114 21.76 12.15 22.90
C THR D 114 21.80 10.64 22.98
N VAL D 115 22.99 10.06 23.17
CA VAL D 115 23.13 8.60 23.15
C VAL D 115 23.32 8.09 24.57
N SER D 116 22.58 7.03 24.91
CA SER D 116 22.66 6.38 26.22
C SER D 116 22.69 4.86 26.03
N ILE D 117 23.62 4.19 26.70
CA ILE D 117 23.77 2.73 26.63
C ILE D 117 23.50 2.13 28.01
N PHE D 118 22.87 0.95 28.02
CA PHE D 118 22.49 0.29 29.25
C PHE D 118 22.88 -1.18 29.21
N PRO D 119 23.60 -1.68 30.21
CA PRO D 119 23.88 -3.11 30.28
C PRO D 119 22.62 -3.90 30.57
N PRO D 120 22.67 -5.22 30.38
CA PRO D 120 21.57 -6.09 30.85
C PRO D 120 21.29 -5.87 32.32
N SER D 121 20.01 -5.84 32.68
CA SER D 121 19.60 -5.84 34.07
C SER D 121 19.91 -7.18 34.73
N SER D 122 20.07 -7.14 36.06
CA SER D 122 20.20 -8.40 36.78
C SER D 122 18.94 -9.23 36.62
N GLU D 123 17.79 -8.56 36.55
CA GLU D 123 16.53 -9.28 36.37
C GLU D 123 16.57 -10.14 35.10
N GLN D 124 16.98 -9.55 33.98
CA GLN D 124 17.02 -10.32 32.74
C GLN D 124 18.06 -11.42 32.80
N LEU D 125 19.22 -11.12 33.40
CA LEU D 125 20.29 -12.12 33.45
C LEU D 125 19.83 -13.39 34.13
N THR D 126 19.02 -13.29 35.19
N THR D 126 19.03 -13.24 35.18
CA THR D 126 18.59 -14.51 35.86
CA THR D 126 18.48 -14.38 35.91
C THR D 126 17.82 -15.42 34.91
C THR D 126 17.75 -15.34 34.99
N SER D 127 17.16 -14.84 33.90
CA SER D 127 16.47 -15.68 32.92
C SER D 127 17.42 -16.41 31.96
N GLY D 128 18.68 -16.00 31.89
CA GLY D 128 19.62 -16.56 30.93
C GLY D 128 19.77 -15.74 29.67
N GLY D 129 19.03 -14.64 29.52
CA GLY D 129 19.19 -13.75 28.39
C GLY D 129 19.87 -12.45 28.81
N ALA D 130 20.29 -11.68 27.80
CA ALA D 130 21.03 -10.45 28.05
C ALA D 130 20.79 -9.50 26.88
N SER D 131 20.00 -8.47 27.10
CA SER D 131 19.82 -7.45 26.08
C SER D 131 20.62 -6.22 26.47
N VAL D 132 21.31 -5.64 25.50
CA VAL D 132 22.03 -4.39 25.66
C VAL D 132 21.26 -3.34 24.88
N VAL D 133 20.94 -2.22 25.53
CA VAL D 133 20.03 -1.23 24.97
C VAL D 133 20.76 0.08 24.75
N CYS D 134 20.52 0.71 23.60
CA CYS D 134 21.08 2.00 23.24
C CYS D 134 19.93 2.92 22.83
N PHE D 135 19.78 4.08 23.46
CA PHE D 135 18.79 5.07 23.04
C PHE D 135 19.53 6.18 22.32
N LEU D 136 19.00 6.62 21.20
CA LEU D 136 19.56 7.74 20.46
C LEU D 136 18.42 8.74 20.39
N ASN D 137 18.45 9.75 21.27
CA ASN D 137 17.22 10.49 21.48
C ASN D 137 17.33 11.93 21.01
N ASN D 138 16.19 12.44 20.51
CA ASN D 138 15.95 13.87 20.23
C ASN D 138 16.90 14.42 19.17
N PHE D 139 16.90 13.77 18.01
CA PHE D 139 17.78 14.22 16.91
C PHE D 139 16.95 14.68 15.71
N TYR D 140 17.60 15.44 14.84
CA TYR D 140 16.93 15.91 13.60
C TYR D 140 18.04 16.33 12.62
N PRO D 141 18.01 15.95 11.33
CA PRO D 141 16.90 15.20 10.72
C PRO D 141 16.81 13.70 11.06
N LYS D 142 15.86 12.98 10.44
CA LYS D 142 15.58 11.56 10.83
C LYS D 142 16.69 10.61 10.42
N ASP D 143 17.43 10.93 9.39
CA ASP D 143 18.47 10.00 8.88
C ASP D 143 19.53 9.76 9.96
N ILE D 144 19.70 8.49 10.36
CA ILE D 144 20.72 8.12 11.37
C ILE D 144 21.12 6.68 11.13
N ASN D 145 22.34 6.32 11.53
CA ASN D 145 22.81 4.92 11.42
C ASN D 145 23.41 4.54 12.76
N VAL D 146 23.12 3.32 13.23
CA VAL D 146 23.65 2.83 14.50
C VAL D 146 24.50 1.59 14.22
N LYS D 147 25.68 1.56 14.81
CA LYS D 147 26.58 0.41 14.71
C LYS D 147 26.91 -0.10 16.09
N TRP D 148 26.87 -1.42 16.27
CA TRP D 148 27.27 -2.07 17.51
C TRP D 148 28.65 -2.69 17.35
N LYS D 149 29.48 -2.55 18.38
CA LYS D 149 30.79 -3.19 18.40
C LYS D 149 30.93 -3.99 19.69
N ILE D 150 31.40 -5.22 19.57
CA ILE D 150 31.69 -6.07 20.71
C ILE D 150 33.21 -6.29 20.74
N ASP D 151 33.86 -5.84 21.82
CA ASP D 151 35.32 -5.92 21.91
C ASP D 151 35.96 -5.40 20.62
N GLY D 152 35.44 -4.30 20.11
CA GLY D 152 35.99 -3.68 18.91
C GLY D 152 35.54 -4.28 17.60
N SER D 153 34.80 -5.38 17.61
CA SER D 153 34.35 -6.02 16.38
C SER D 153 32.87 -5.73 16.12
N GLU D 154 32.56 -5.34 14.88
CA GLU D 154 31.20 -5.02 14.51
C GLU D 154 30.29 -6.23 14.65
N ARG D 155 29.08 -5.99 15.15
CA ARG D 155 28.07 -7.02 15.35
C ARG D 155 26.81 -6.57 14.64
N GLN D 156 26.31 -7.38 13.71
CA GLN D 156 25.01 -7.09 13.12
C GLN D 156 23.91 -8.02 13.57
N ASN D 157 24.22 -9.27 13.89
CA ASN D 157 23.20 -10.24 14.27
C ASN D 157 22.60 -9.91 15.62
N GLY D 158 21.28 -10.10 15.73
CA GLY D 158 20.59 -9.88 17.00
C GLY D 158 20.26 -8.45 17.35
N VAL D 159 20.32 -7.52 16.39
CA VAL D 159 20.04 -6.11 16.64
C VAL D 159 18.65 -5.79 16.11
N LEU D 160 17.81 -5.19 16.96
CA LEU D 160 16.50 -4.72 16.55
C LEU D 160 16.38 -3.24 16.85
N ASN D 161 15.82 -2.50 15.89
CA ASN D 161 15.74 -1.05 15.94
C ASN D 161 14.28 -0.59 15.87
N SER D 162 13.98 0.51 16.55
CA SER D 162 12.64 1.07 16.51
C SER D 162 12.76 2.60 16.56
N TRP D 163 11.84 3.26 15.88
CA TRP D 163 11.90 4.71 15.71
C TRP D 163 10.58 5.33 16.15
N THR D 164 10.65 6.46 16.84
CA THR D 164 9.44 7.19 17.18
C THR D 164 9.02 8.08 16.02
N ASP D 165 7.75 8.49 16.06
CA ASP D 165 7.27 9.60 15.26
C ASP D 165 7.86 10.89 15.82
N GLN D 166 7.75 12.00 15.07
CA GLN D 166 8.20 13.29 15.56
C GLN D 166 7.55 13.62 16.89
N ASP D 167 8.37 14.13 17.82
CA ASP D 167 7.90 14.47 19.15
C ASP D 167 6.94 15.65 19.11
N SER D 168 5.84 15.55 19.89
N SER D 168 5.85 15.55 19.88
CA SER D 168 4.83 16.60 19.87
CA SER D 168 4.80 16.58 19.89
C SER D 168 5.38 17.93 20.35
C SER D 168 5.22 17.86 20.60
N LYS D 169 6.40 17.90 21.21
CA LYS D 169 6.91 19.12 21.86
C LYS D 169 8.07 19.77 21.11
N ASP D 170 9.07 19.00 20.67
CA ASP D 170 10.22 19.62 20.01
C ASP D 170 10.43 19.12 18.60
N SER D 171 9.52 18.28 18.07
CA SER D 171 9.55 17.86 16.67
C SER D 171 10.80 17.06 16.29
N THR D 172 11.52 16.49 17.27
CA THR D 172 12.67 15.64 16.97
C THR D 172 12.25 14.19 16.82
N TYR D 173 13.20 13.35 16.41
CA TYR D 173 13.04 11.91 16.30
C TYR D 173 13.87 11.23 17.38
N SER D 174 13.49 10.00 17.76
CA SER D 174 14.32 9.21 18.65
C SER D 174 14.33 7.77 18.14
N MET D 175 15.35 7.03 18.55
CA MET D 175 15.52 5.67 18.09
C MET D 175 16.02 4.82 19.24
N SER D 176 15.50 3.61 19.34
N SER D 176 15.58 3.57 19.28
CA SER D 176 16.05 2.59 20.21
CA SER D 176 16.03 2.59 20.28
C SER D 176 16.78 1.57 19.36
C SER D 176 16.63 1.40 19.55
N SER D 177 17.88 1.06 19.89
CA SER D 177 18.57 -0.09 19.30
C SER D 177 18.85 -1.10 20.39
N THR D 178 18.39 -2.34 20.20
CA THR D 178 18.55 -3.39 21.20
C THR D 178 19.34 -4.55 20.62
N LEU D 179 20.42 -4.92 21.33
CA LEU D 179 21.24 -6.07 20.96
C LEU D 179 20.95 -7.20 21.94
N THR D 180 20.40 -8.30 21.45
CA THR D 180 19.99 -9.39 22.33
C THR D 180 20.94 -10.54 22.16
N LEU D 181 21.58 -10.93 23.26
CA LEU D 181 22.43 -12.11 23.35
C LEU D 181 21.93 -13.05 24.43
N THR D 182 22.59 -14.19 24.56
CA THR D 182 22.38 -15.01 25.74
C THR D 182 23.31 -14.53 26.85
N LYS D 183 22.97 -14.86 28.09
CA LYS D 183 23.88 -14.53 29.17
C LYS D 183 25.25 -15.13 28.90
N ASP D 184 25.29 -16.39 28.44
CA ASP D 184 26.59 -17.03 28.17
C ASP D 184 27.39 -16.26 27.12
N GLU D 185 26.74 -15.84 26.03
CA GLU D 185 27.47 -15.07 25.02
C GLU D 185 27.93 -13.75 25.60
N TYR D 186 27.02 -13.03 26.28
CA TYR D 186 27.35 -11.73 26.85
C TYR D 186 28.60 -11.84 27.73
N GLU D 187 28.72 -12.91 28.50
CA GLU D 187 29.81 -13.04 29.45
C GLU D 187 31.12 -13.50 28.82
N ARG D 188 31.14 -13.70 27.50
CA ARG D 188 32.38 -14.03 26.81
C ARG D 188 33.13 -12.80 26.30
N HIS D 189 32.56 -11.61 26.44
CA HIS D 189 33.16 -10.39 25.95
C HIS D 189 33.11 -9.33 27.04
N ASN D 190 33.93 -8.29 26.88
CA ASN D 190 34.01 -7.22 27.87
C ASN D 190 33.41 -5.91 27.40
N SER D 191 33.82 -5.40 26.23
CA SER D 191 33.49 -4.05 25.79
C SER D 191 32.26 -4.06 24.87
N TYR D 192 31.24 -3.27 25.20
CA TYR D 192 30.05 -3.13 24.36
C TYR D 192 29.85 -1.66 24.00
N THR D 193 29.69 -1.38 22.71
CA THR D 193 29.68 -0.01 22.18
C THR D 193 28.54 0.14 21.18
N CYS D 194 27.82 1.24 21.27
CA CYS D 194 26.88 1.60 20.21
C CYS D 194 27.32 2.94 19.67
N GLU D 195 27.38 3.05 18.35
CA GLU D 195 27.95 4.20 17.64
C GLU D 195 26.89 4.78 16.71
N ALA D 196 26.65 6.09 16.83
CA ALA D 196 25.64 6.78 16.03
C ALA D 196 26.32 7.65 15.00
N THR D 197 25.89 7.55 13.74
CA THR D 197 26.33 8.47 12.68
C THR D 197 25.13 9.34 12.32
N HIS D 198 25.29 10.67 12.44
CA HIS D 198 24.23 11.61 12.16
C HIS D 198 24.88 12.84 11.54
N LYS D 199 24.14 13.58 10.72
CA LYS D 199 24.80 14.66 9.99
C LYS D 199 25.32 15.76 10.92
N THR D 200 24.85 15.84 12.16
CA THR D 200 25.31 16.89 13.06
C THR D 200 26.74 16.64 13.60
N SER D 201 27.38 15.54 13.26
N SER D 201 27.35 15.51 13.26
CA SER D 201 28.72 15.28 13.78
CA SER D 201 28.68 15.18 13.74
C SER D 201 29.53 14.52 12.75
C SER D 201 29.48 14.60 12.59
N THR D 202 30.72 15.05 12.43
CA THR D 202 31.57 14.42 11.44
C THR D 202 32.10 13.09 11.95
N SER D 203 32.20 12.95 13.25
N SER D 203 32.19 12.93 13.26
CA SER D 203 32.62 11.71 13.89
CA SER D 203 32.64 11.71 13.89
C SER D 203 31.41 10.97 14.45
C SER D 203 31.47 10.99 14.54
N PRO D 204 31.52 9.64 14.59
CA PRO D 204 30.44 8.90 15.27
C PRO D 204 30.31 9.35 16.71
N ILE D 205 29.08 9.30 17.21
CA ILE D 205 28.77 9.63 18.59
C ILE D 205 28.60 8.31 19.32
N VAL D 206 29.48 8.05 20.28
CA VAL D 206 29.68 6.70 20.81
C VAL D 206 29.43 6.68 22.31
N LYS D 207 28.85 5.59 22.78
CA LYS D 207 28.76 5.30 24.19
C LYS D 207 29.16 3.85 24.38
N SER D 208 29.77 3.56 25.52
CA SER D 208 30.38 2.26 25.70
C SER D 208 30.31 1.87 27.18
N PHE D 209 30.46 0.57 27.45
CA PHE D 209 30.74 0.13 28.80
C PHE D 209 31.51 -1.17 28.75
N ASN D 210 32.08 -1.51 29.91
CA ASN D 210 32.91 -2.73 30.00
C ASN D 210 32.23 -3.65 31.02
N ARG D 211 31.90 -4.86 30.59
CA ARG D 211 31.19 -5.81 31.50
C ARG D 211 31.97 -5.89 32.81
N ASN D 212 33.30 -5.82 32.76
CA ASN D 212 34.11 -5.78 34.01
C ASN D 212 34.33 -4.32 34.40
C10 7V7 E . -23.11 2.31 -25.51
C13 7V7 E . -24.43 5.12 -24.87
C15 7V7 E . -26.32 5.84 -26.36
C17 7V7 E . -26.75 8.15 -26.83
C20 7V7 E . -19.77 0.26 -23.17
C21 7V7 E . -20.62 -0.07 -22.13
C22 7V7 E . -20.22 0.10 -20.83
C24 7V7 E . -18.12 0.95 -21.57
C02 7V7 E . -19.92 -1.07 -25.22
C03 7V7 E . -19.12 -2.14 -24.51
C04 7V7 E . -17.81 -2.40 -25.15
C06 7V7 E . -20.92 1.14 -25.24
C07 7V7 E . -20.30 2.51 -25.01
C08 7V7 E . -21.11 3.59 -25.67
C11 7V7 E . -22.39 1.17 -24.83
C12 7V7 E . -23.26 4.70 -25.74
C14 7V7 E . -25.25 6.18 -25.55
C16 7V7 E . -27.07 6.82 -27.00
C18 7V7 E . -25.69 8.50 -26.03
C19 7V7 E . -24.94 7.51 -25.40
C23 7V7 E . -18.97 0.62 -20.54
C25 7V7 E . -18.51 0.77 -22.88
N05 7V7 E . -20.18 0.08 -24.53
N09 7V7 E . -22.49 3.59 -25.19
O01 7V7 E . -20.30 -1.21 -26.38
C10 7V7 F . -22.06 12.99 12.25
C13 7V7 F . -23.71 15.43 12.90
C15 7V7 F . -25.28 16.05 11.02
C17 7V7 F . -26.30 18.21 10.88
C20 7V7 F . -18.71 11.02 14.61
C21 7V7 F . -19.54 10.51 15.60
C22 7V7 F . -19.20 10.64 16.93
C24 7V7 F . -17.21 11.81 16.32
C02 7V7 F . -18.71 9.77 12.51
C03 7V7 F . -17.86 8.73 13.22
C04 7V7 F . -16.48 8.63 12.64
C06 7V7 F . -19.82 11.93 12.54
C07 7V7 F . -19.28 13.32 12.87
C08 7V7 F . -20.15 14.40 12.25
C11 7V7 F . -21.30 11.83 12.86
C12 7V7 F . -22.35 15.38 12.21
C14 7V7 F . -24.62 16.40 12.18
C16 7V7 F . -26.12 16.94 10.38
C18 7V7 F . -25.65 18.58 12.04
C19 7V7 F . -24.81 17.68 12.68
C23 7V7 F . -18.04 11.28 17.29
C25 7V7 F . -17.53 11.67 14.98
N05 7V7 F . -19.05 10.89 13.23
N09 7V7 F . -21.53 14.27 12.70
O01 7V7 F . -19.06 9.63 11.35
#